data_3COT
#
_entry.id   3COT
#
_cell.length_a   49.743
_cell.length_b   109.434
_cell.length_c   128.583
_cell.angle_alpha   90.00
_cell.angle_beta   90.00
_cell.angle_gamma   90.00
#
_symmetry.space_group_name_H-M   'P 21 21 21'
#
loop_
_entity.id
_entity.type
_entity.pdbx_description
1 polymer '3-oxo-5-beta-steroid 4-dehydrogenase'
2 non-polymer 'NADP NICOTINAMIDE-ADENINE-DINUCLEOTIDE PHOSPHATE'
3 non-polymer PROGESTERONE
4 water water
#
_entity_poly.entity_id   1
_entity_poly.type   'polypeptide(L)'
_entity_poly.pdbx_seq_one_letter_code
;MGSSHHHHHHSSGLVPRGSHMDLSAASHRIPLSDGNSIPIIGLGTYSEPKSTPKGACATSVKVAIDTGYRHIDGAYIYQN
EHEVGEAIREKIAEGKVRREDIFYCGKLWATNHVPEMVRPTLERTLRVLQLDYVDLYIIEVPMAFKPGDEIYPRDENGKW
LYHKSNLCATWEAMEACKDAGLVKSLGVSNFNRRQLELILNKPGLKHKPVSNQVECHPYFTQPKLLKFCQQHDIVITAYS
PLGTSRNPIWVNVSSPPLLKDALLNSLGKRYNKTAAQIVLRFNIQRGVVVIPKSFNLERIKENFQIFDFSLTEEEMKDIE
ALNKNVRFVELLMWRDHPEYPFHDEY
;
_entity_poly.pdbx_strand_id   A,B
#
# COMPACT_ATOMS: atom_id res chain seq x y z
N ASP A 22 -26.32 17.07 -2.86
CA ASP A 22 -24.92 16.67 -3.21
C ASP A 22 -24.26 15.97 -2.01
N LEU A 23 -23.84 16.75 -1.02
CA LEU A 23 -23.21 16.19 0.18
C LEU A 23 -24.29 15.95 1.23
N SER A 24 -24.16 14.87 1.99
CA SER A 24 -25.12 14.56 3.04
C SER A 24 -24.39 14.00 4.25
N ALA A 25 -25.10 13.91 5.37
CA ALA A 25 -24.52 13.38 6.61
C ALA A 25 -24.02 11.96 6.42
N ALA A 26 -24.70 11.20 5.57
CA ALA A 26 -24.32 9.82 5.33
C ALA A 26 -23.29 9.66 4.21
N SER A 27 -23.18 10.66 3.35
CA SER A 27 -22.25 10.58 2.23
C SER A 27 -21.66 11.94 1.88
N HIS A 28 -20.44 12.20 2.32
CA HIS A 28 -19.80 13.48 2.03
C HIS A 28 -18.30 13.36 1.75
N ARG A 29 -17.92 12.27 1.07
CA ARG A 29 -16.53 12.05 0.72
C ARG A 29 -16.25 12.64 -0.66
N ILE A 30 -15.12 13.32 -0.81
CA ILE A 30 -14.75 13.90 -2.09
C ILE A 30 -13.50 13.17 -2.59
N PRO A 31 -13.38 13.03 -3.92
CA PRO A 31 -12.22 12.35 -4.51
C PRO A 31 -10.86 13.03 -4.38
N LEU A 32 -9.83 12.19 -4.31
CA LEU A 32 -8.45 12.63 -4.23
C LEU A 32 -7.83 12.22 -5.56
N SER A 33 -6.79 12.91 -5.99
CA SER A 33 -6.16 12.62 -7.28
C SER A 33 -5.63 11.21 -7.48
N ASP A 34 -5.34 10.51 -6.38
CA ASP A 34 -4.82 9.16 -6.49
C ASP A 34 -5.89 8.08 -6.55
N GLY A 35 -7.15 8.47 -6.67
CA GLY A 35 -8.22 7.49 -6.74
C GLY A 35 -8.94 7.24 -5.43
N ASN A 36 -8.42 7.81 -4.34
CA ASN A 36 -9.04 7.64 -3.04
C ASN A 36 -10.04 8.76 -2.80
N SER A 37 -10.63 8.79 -1.60
CA SER A 37 -11.61 9.82 -1.25
C SER A 37 -11.40 10.24 0.20
N ILE A 38 -11.82 11.46 0.51
CA ILE A 38 -11.66 12.00 1.86
C ILE A 38 -12.96 12.64 2.34
N PRO A 39 -13.40 12.30 3.56
CA PRO A 39 -14.65 12.88 4.10
C PRO A 39 -14.45 14.39 4.22
N ILE A 40 -15.39 15.16 3.67
CA ILE A 40 -15.29 16.61 3.67
C ILE A 40 -15.18 17.32 5.02
N ILE A 41 -15.58 16.61 6.08
CA ILE A 41 -15.45 17.16 7.42
C ILE A 41 -14.78 16.09 8.28
N GLY A 42 -13.97 16.54 9.23
CA GLY A 42 -13.29 15.63 10.13
C GLY A 42 -13.10 16.26 11.49
N LEU A 43 -12.67 15.45 12.46
CA LEU A 43 -12.43 15.96 13.80
C LEU A 43 -10.95 16.26 14.03
N GLY A 44 -10.66 17.52 14.36
CA GLY A 44 -9.28 17.89 14.63
C GLY A 44 -9.01 17.40 16.04
N THR A 45 -7.77 17.02 16.34
CA THR A 45 -7.49 16.50 17.66
C THR A 45 -6.38 17.18 18.46
N TYR A 46 -5.94 18.35 18.01
CA TYR A 46 -4.92 19.04 18.80
C TYR A 46 -5.55 19.71 20.01
N SER A 47 -4.93 19.53 21.16
CA SER A 47 -5.41 20.12 22.40
C SER A 47 -4.22 20.33 23.32
N GLU A 48 -4.08 21.54 23.86
CA GLU A 48 -2.96 21.85 24.76
C GLU A 48 -2.79 20.74 25.80
N PRO A 49 -1.65 20.03 25.73
CA PRO A 49 -1.33 18.93 26.65
C PRO A 49 -1.64 19.19 28.12
N LYS A 50 -0.91 20.13 28.73
CA LYS A 50 -1.08 20.44 30.14
C LYS A 50 -2.50 20.73 30.63
N SER A 51 -3.30 21.40 29.80
CA SER A 51 -4.67 21.75 30.19
C SER A 51 -5.75 20.87 29.58
N THR A 52 -5.40 19.63 29.26
CA THR A 52 -6.37 18.70 28.66
C THR A 52 -6.45 17.42 29.47
N PRO A 53 -7.67 17.04 29.88
CA PRO A 53 -7.85 15.82 30.66
C PRO A 53 -7.44 14.59 29.84
N LYS A 54 -6.85 13.60 30.51
CA LYS A 54 -6.45 12.38 29.83
C LYS A 54 -7.73 11.66 29.40
N GLY A 55 -7.70 11.03 28.23
CA GLY A 55 -8.88 10.33 27.75
C GLY A 55 -9.91 11.21 27.08
N ALA A 56 -9.72 12.54 27.15
CA ALA A 56 -10.65 13.48 26.54
C ALA A 56 -10.65 13.35 25.02
N CYS A 57 -9.48 13.15 24.45
CA CYS A 57 -9.38 12.99 23.00
C CYS A 57 -10.09 11.71 22.56
N ALA A 58 -9.82 10.61 23.28
CA ALA A 58 -10.42 9.32 22.96
C ALA A 58 -11.95 9.37 23.02
N THR A 59 -12.49 9.99 24.07
CA THR A 59 -13.93 10.10 24.22
C THR A 59 -14.52 10.92 23.08
N SER A 60 -13.83 11.99 22.70
CA SER A 60 -14.30 12.86 21.63
C SER A 60 -14.33 12.14 20.28
N VAL A 61 -13.30 11.37 19.98
CA VAL A 61 -13.27 10.64 18.71
C VAL A 61 -14.44 9.63 18.65
N LYS A 62 -14.71 8.99 19.78
CA LYS A 62 -15.81 8.02 19.86
C LYS A 62 -17.15 8.71 19.64
N VAL A 63 -17.34 9.87 20.27
CA VAL A 63 -18.57 10.62 20.10
C VAL A 63 -18.72 11.10 18.66
N ALA A 64 -17.60 11.54 18.09
CA ALA A 64 -17.57 12.03 16.72
C ALA A 64 -17.99 10.91 15.76
N ILE A 65 -17.42 9.72 15.95
CA ILE A 65 -17.77 8.59 15.09
C ILE A 65 -19.26 8.29 15.21
N ASP A 66 -19.80 8.37 16.44
CA ASP A 66 -21.23 8.11 16.63
C ASP A 66 -22.09 9.18 15.97
N THR A 67 -21.62 10.42 16.00
CA THR A 67 -22.36 11.54 15.40
C THR A 67 -22.42 11.40 13.89
N GLY A 68 -21.40 10.76 13.31
CA GLY A 68 -21.37 10.59 11.86
C GLY A 68 -20.03 10.93 11.23
N TYR A 69 -19.08 11.45 12.01
CA TYR A 69 -17.76 11.77 11.46
C TYR A 69 -17.09 10.48 11.02
N ARG A 70 -16.36 10.55 9.91
CA ARG A 70 -15.65 9.38 9.38
C ARG A 70 -14.21 9.79 9.05
N HIS A 71 -13.80 10.95 9.54
CA HIS A 71 -12.47 11.49 9.29
C HIS A 71 -11.89 12.08 10.57
N ILE A 72 -10.70 11.60 10.96
CA ILE A 72 -10.03 12.12 12.16
C ILE A 72 -8.64 12.63 11.75
N ASP A 73 -8.30 13.82 12.22
CA ASP A 73 -7.00 14.41 11.89
C ASP A 73 -6.19 14.51 13.16
N GLY A 74 -5.01 13.88 13.15
CA GLY A 74 -4.16 13.89 14.33
C GLY A 74 -2.69 14.02 13.99
N ALA A 75 -1.84 13.87 14.99
CA ALA A 75 -0.40 13.96 14.81
C ALA A 75 0.31 13.40 16.02
N TYR A 76 1.39 12.67 15.78
CA TYR A 76 2.13 12.10 16.88
C TYR A 76 2.52 13.17 17.90
N ILE A 77 2.93 14.34 17.40
CA ILE A 77 3.37 15.41 18.29
C ILE A 77 2.24 16.01 19.14
N TYR A 78 0.98 15.65 18.85
CA TYR A 78 -0.13 16.16 19.65
C TYR A 78 -0.16 15.41 20.98
N GLN A 79 0.66 14.36 21.05
CA GLN A 79 0.80 13.54 22.25
C GLN A 79 -0.45 12.77 22.68
N ASN A 80 -1.41 12.60 21.77
CA ASN A 80 -2.64 11.88 22.08
C ASN A 80 -2.98 10.91 20.96
N GLU A 81 -2.00 10.60 20.12
CA GLU A 81 -2.25 9.71 19.01
C GLU A 81 -2.68 8.33 19.47
N HIS A 82 -2.26 7.93 20.67
CA HIS A 82 -2.63 6.63 21.22
C HIS A 82 -4.12 6.63 21.63
N GLU A 83 -4.64 7.79 22.02
CA GLU A 83 -6.04 7.92 22.40
C GLU A 83 -6.89 7.82 21.13
N VAL A 84 -6.42 8.46 20.07
CA VAL A 84 -7.10 8.44 18.78
C VAL A 84 -7.23 7.00 18.29
N GLY A 85 -6.13 6.25 18.40
CA GLY A 85 -6.12 4.86 17.97
C GLY A 85 -7.01 4.00 18.86
N GLU A 86 -7.03 4.31 20.15
CA GLU A 86 -7.84 3.57 21.12
C GLU A 86 -9.32 3.69 20.72
N ALA A 87 -9.73 4.90 20.38
CA ALA A 87 -11.10 5.18 20.00
C ALA A 87 -11.48 4.54 18.68
N ILE A 88 -10.59 4.63 17.69
CA ILE A 88 -10.88 4.05 16.38
C ILE A 88 -10.98 2.53 16.48
N ARG A 89 -10.07 1.92 17.21
CA ARG A 89 -10.09 0.47 17.34
C ARG A 89 -11.33 -0.01 18.07
N GLU A 90 -11.77 0.73 19.07
CA GLU A 90 -12.96 0.37 19.82
C GLU A 90 -14.21 0.44 18.95
N LYS A 91 -14.27 1.42 18.05
CA LYS A 91 -15.42 1.57 17.17
C LYS A 91 -15.44 0.51 16.06
N ILE A 92 -14.25 0.04 15.67
CA ILE A 92 -14.15 -1.00 14.65
C ILE A 92 -14.49 -2.33 15.33
N ALA A 93 -13.99 -2.50 16.54
CA ALA A 93 -14.23 -3.72 17.29
C ALA A 93 -15.71 -3.99 17.55
N GLU A 94 -16.47 -2.94 17.85
CA GLU A 94 -17.89 -3.13 18.12
C GLU A 94 -18.73 -3.19 16.86
N GLY A 95 -18.09 -2.98 15.71
CA GLY A 95 -18.82 -3.04 14.45
C GLY A 95 -19.46 -1.73 14.01
N LYS A 96 -19.15 -0.64 14.71
CA LYS A 96 -19.71 0.66 14.35
C LYS A 96 -19.23 1.05 12.94
N VAL A 97 -17.98 0.73 12.64
CA VAL A 97 -17.40 1.03 11.34
C VAL A 97 -16.30 0.01 11.03
N ARG A 98 -16.05 -0.19 9.73
CA ARG A 98 -14.99 -1.09 9.31
C ARG A 98 -13.79 -0.17 9.13
N ARG A 99 -12.58 -0.73 9.15
CA ARG A 99 -11.39 0.09 8.98
C ARG A 99 -11.47 0.96 7.72
N GLU A 100 -12.04 0.41 6.67
CA GLU A 100 -12.18 1.10 5.39
C GLU A 100 -13.13 2.30 5.43
N ASP A 101 -14.00 2.36 6.43
CA ASP A 101 -14.95 3.47 6.55
C ASP A 101 -14.32 4.64 7.31
N ILE A 102 -13.19 4.38 7.96
CA ILE A 102 -12.50 5.39 8.74
C ILE A 102 -11.31 5.98 8.00
N PHE A 103 -11.19 7.30 8.07
CA PHE A 103 -10.12 8.02 7.40
C PHE A 103 -9.27 8.74 8.44
N TYR A 104 -8.01 8.34 8.58
CA TYR A 104 -7.13 9.01 9.54
C TYR A 104 -5.94 9.64 8.86
N CYS A 105 -5.66 10.90 9.22
CA CYS A 105 -4.52 11.61 8.68
C CYS A 105 -3.51 11.89 9.78
N GLY A 106 -2.27 11.46 9.54
CA GLY A 106 -1.19 11.68 10.48
C GLY A 106 -0.17 12.62 9.86
N LYS A 107 0.77 13.11 10.64
CA LYS A 107 1.77 14.05 10.12
C LYS A 107 3.21 13.77 10.54
N LEU A 108 4.13 14.11 9.64
CA LEU A 108 5.57 13.92 9.82
C LEU A 108 6.16 15.25 10.29
N TRP A 109 6.57 15.31 11.56
CA TRP A 109 7.13 16.53 12.14
C TRP A 109 8.51 16.92 11.59
N ALA A 110 8.87 18.19 11.77
CA ALA A 110 10.13 18.76 11.30
C ALA A 110 11.41 18.04 11.71
N THR A 111 11.38 17.37 12.86
CA THR A 111 12.56 16.67 13.35
C THR A 111 12.70 15.26 12.78
N ASN A 112 11.88 14.93 11.78
CA ASN A 112 11.91 13.60 11.21
C ASN A 112 11.96 13.64 9.68
N HIS A 113 12.46 14.75 9.13
CA HIS A 113 12.51 14.89 7.67
C HIS A 113 13.68 14.20 6.97
N VAL A 114 14.68 13.79 7.74
CA VAL A 114 15.81 13.07 7.14
C VAL A 114 15.22 11.82 6.50
N PRO A 115 15.52 11.60 5.21
CA PRO A 115 15.02 10.44 4.45
C PRO A 115 14.95 9.12 5.20
N GLU A 116 16.07 8.70 5.79
CA GLU A 116 16.13 7.45 6.52
C GLU A 116 15.21 7.41 7.74
N MET A 117 14.74 8.57 8.19
CA MET A 117 13.87 8.64 9.35
C MET A 117 12.38 8.61 9.02
N VAL A 118 12.02 8.92 7.78
CA VAL A 118 10.62 8.96 7.41
C VAL A 118 9.84 7.68 7.73
N ARG A 119 10.21 6.58 7.10
CA ARG A 119 9.51 5.32 7.34
C ARG A 119 9.44 4.91 8.81
N PRO A 120 10.57 5.00 9.54
CA PRO A 120 10.51 4.62 10.96
C PRO A 120 9.51 5.50 11.73
N THR A 121 9.43 6.77 11.34
CA THR A 121 8.53 7.71 11.99
C THR A 121 7.07 7.33 11.73
N LEU A 122 6.78 6.91 10.51
CA LEU A 122 5.42 6.51 10.15
C LEU A 122 5.09 5.23 10.90
N GLU A 123 6.04 4.30 10.95
CA GLU A 123 5.84 3.02 11.63
C GLU A 123 5.53 3.20 13.11
N ARG A 124 6.16 4.19 13.74
CA ARG A 124 5.92 4.46 15.15
C ARG A 124 4.46 4.90 15.32
N THR A 125 4.00 5.76 14.41
CA THR A 125 2.63 6.24 14.46
C THR A 125 1.67 5.07 14.28
N LEU A 126 2.03 4.12 13.40
CA LEU A 126 1.20 2.96 13.15
C LEU A 126 1.15 2.09 14.40
N ARG A 127 2.27 2.03 15.10
CA ARG A 127 2.37 1.24 16.34
C ARG A 127 1.63 1.92 17.48
N VAL A 128 1.62 3.25 17.46
CA VAL A 128 0.92 4.02 18.49
C VAL A 128 -0.59 3.87 18.29
N LEU A 129 -1.01 3.88 17.03
CA LEU A 129 -2.42 3.74 16.68
C LEU A 129 -2.79 2.28 16.77
N GLN A 130 -1.81 1.42 16.54
CA GLN A 130 -2.02 -0.02 16.54
C GLN A 130 -2.91 -0.35 15.34
N LEU A 131 -2.58 0.25 14.21
CA LEU A 131 -3.29 0.04 12.94
C LEU A 131 -2.28 -0.35 11.86
N ASP A 132 -2.78 -0.93 10.76
CA ASP A 132 -1.92 -1.36 9.66
C ASP A 132 -1.47 -0.26 8.72
N TYR A 133 -2.24 0.82 8.65
CA TYR A 133 -1.89 1.92 7.75
C TYR A 133 -2.71 3.15 8.11
N VAL A 134 -2.31 4.29 7.53
CA VAL A 134 -3.02 5.54 7.72
C VAL A 134 -3.57 5.90 6.35
N ASP A 135 -4.71 6.57 6.33
CA ASP A 135 -5.31 6.95 5.05
C ASP A 135 -4.54 8.07 4.38
N LEU A 136 -3.97 8.95 5.19
CA LEU A 136 -3.21 10.08 4.68
C LEU A 136 -2.05 10.43 5.62
N TYR A 137 -0.87 10.63 5.04
CA TYR A 137 0.29 10.99 5.82
C TYR A 137 0.89 12.21 5.13
N ILE A 138 1.12 13.28 5.89
CA ILE A 138 1.63 14.50 5.31
C ILE A 138 2.82 15.10 6.04
N ILE A 139 3.65 15.83 5.30
CA ILE A 139 4.81 16.50 5.88
C ILE A 139 4.15 17.64 6.67
N GLU A 140 4.31 17.63 7.99
CA GLU A 140 3.69 18.62 8.86
C GLU A 140 4.03 20.08 8.54
N VAL A 141 5.31 20.36 8.30
CA VAL A 141 5.76 21.69 7.92
C VAL A 141 6.88 21.51 6.90
N PRO A 142 7.05 22.47 5.99
CA PRO A 142 8.12 22.35 4.99
C PRO A 142 9.52 22.59 5.58
N MET A 143 9.57 23.01 6.84
CA MET A 143 10.82 23.29 7.52
C MET A 143 11.36 22.07 8.25
N ALA A 144 12.68 21.91 8.21
CA ALA A 144 13.31 20.78 8.88
C ALA A 144 14.02 21.26 10.13
N PHE A 145 13.83 20.55 11.23
CA PHE A 145 14.47 20.88 12.50
C PHE A 145 15.48 19.78 12.83
N LYS A 146 16.38 20.06 13.76
CA LYS A 146 17.39 19.11 14.18
C LYS A 146 16.74 17.77 14.58
N PRO A 147 17.12 16.68 13.90
CA PRO A 147 16.57 15.35 14.19
C PRO A 147 16.90 14.92 15.61
N GLY A 148 15.90 14.39 16.32
CA GLY A 148 16.14 13.94 17.68
C GLY A 148 14.86 13.65 18.45
N ASP A 149 15.03 13.34 19.74
CA ASP A 149 13.90 13.03 20.60
C ASP A 149 13.08 14.29 20.86
N GLU A 150 13.77 15.41 21.05
CA GLU A 150 13.11 16.68 21.31
C GLU A 150 12.43 17.20 20.04
N ILE A 151 11.15 17.53 20.15
CA ILE A 151 10.39 18.04 19.00
C ILE A 151 10.63 19.53 18.79
N TYR A 152 11.21 20.18 19.80
CA TYR A 152 11.50 21.61 19.73
C TYR A 152 12.96 21.87 20.10
N PRO A 153 13.90 21.61 19.18
CA PRO A 153 15.33 21.80 19.40
C PRO A 153 15.74 23.25 19.65
N ARG A 154 16.09 23.56 20.90
CA ARG A 154 16.51 24.91 21.26
C ARG A 154 17.70 24.83 22.20
N ASP A 155 18.82 25.42 21.80
CA ASP A 155 20.02 25.39 22.62
C ASP A 155 19.88 26.26 23.87
N GLU A 156 21.01 26.41 24.57
CA GLU A 156 21.07 27.21 25.79
C GLU A 156 20.39 28.56 25.69
N ASN A 157 20.76 29.32 24.65
CA ASN A 157 20.21 30.66 24.44
C ASN A 157 18.76 30.62 23.96
N GLY A 158 18.10 29.49 24.16
CA GLY A 158 16.72 29.35 23.73
C GLY A 158 16.58 29.44 22.22
N LYS A 159 17.72 29.54 21.54
CA LYS A 159 17.76 29.64 20.08
C LYS A 159 17.28 28.32 19.46
N TRP A 160 16.64 28.41 18.29
CA TRP A 160 16.13 27.23 17.61
C TRP A 160 17.15 26.51 16.74
N LEU A 161 17.26 25.21 16.94
CA LEU A 161 18.19 24.38 16.17
C LEU A 161 17.51 23.84 14.92
N TYR A 162 17.77 24.52 13.80
CA TYR A 162 17.19 24.13 12.52
C TYR A 162 17.95 22.98 11.89
N HIS A 163 17.68 22.75 10.61
CA HIS A 163 18.32 21.69 9.84
C HIS A 163 18.03 21.95 8.37
N LYS A 164 19.00 21.69 7.51
CA LYS A 164 18.81 21.93 6.08
C LYS A 164 17.73 21.03 5.50
N SER A 165 16.73 21.65 4.90
CA SER A 165 15.62 20.92 4.30
C SER A 165 15.94 20.47 2.88
N ASN A 166 15.25 19.42 2.45
CA ASN A 166 15.38 18.86 1.12
C ASN A 166 14.06 18.16 0.84
N LEU A 167 13.01 18.96 0.64
CA LEU A 167 11.67 18.45 0.40
C LEU A 167 11.61 17.31 -0.62
N CYS A 168 12.31 17.45 -1.73
CA CYS A 168 12.31 16.42 -2.77
C CYS A 168 12.77 15.07 -2.23
N ALA A 169 13.85 15.08 -1.45
CA ALA A 169 14.40 13.87 -0.87
C ALA A 169 13.44 13.27 0.17
N THR A 170 12.86 14.13 1.00
CA THR A 170 11.92 13.67 2.02
C THR A 170 10.69 13.09 1.34
N TRP A 171 10.29 13.69 0.23
CA TRP A 171 9.12 13.23 -0.49
C TRP A 171 9.35 11.83 -1.06
N GLU A 172 10.55 11.58 -1.57
CA GLU A 172 10.86 10.26 -2.12
C GLU A 172 10.73 9.20 -1.04
N ALA A 173 11.08 9.56 0.20
CA ALA A 173 10.98 8.63 1.31
C ALA A 173 9.51 8.40 1.66
N MET A 174 8.69 9.41 1.41
CA MET A 174 7.25 9.32 1.69
C MET A 174 6.64 8.38 0.64
N GLU A 175 7.10 8.51 -0.60
CA GLU A 175 6.60 7.67 -1.68
C GLU A 175 6.90 6.20 -1.40
N ALA A 176 8.05 5.92 -0.82
CA ALA A 176 8.41 4.55 -0.49
C ALA A 176 7.42 3.97 0.53
N CYS A 177 6.94 4.83 1.43
CA CYS A 177 5.97 4.40 2.44
C CYS A 177 4.66 3.98 1.78
N LYS A 178 4.26 4.70 0.73
CA LYS A 178 3.02 4.35 0.05
C LYS A 178 3.26 3.06 -0.73
N ASP A 179 4.44 2.92 -1.33
CA ASP A 179 4.78 1.73 -2.08
C ASP A 179 4.78 0.48 -1.19
N ALA A 180 5.08 0.66 0.09
CA ALA A 180 5.10 -0.45 1.04
C ALA A 180 3.71 -0.76 1.58
N GLY A 181 2.72 0.06 1.21
CA GLY A 181 1.35 -0.14 1.65
C GLY A 181 1.04 0.35 3.05
N LEU A 182 1.90 1.22 3.58
CA LEU A 182 1.72 1.75 4.92
C LEU A 182 0.79 2.95 4.99
N VAL A 183 0.52 3.53 3.82
CA VAL A 183 -0.35 4.70 3.74
C VAL A 183 -0.98 4.76 2.35
N LYS A 184 -2.25 5.12 2.28
CA LYS A 184 -2.94 5.18 1.00
C LYS A 184 -2.72 6.46 0.20
N SER A 185 -2.68 7.60 0.88
CA SER A 185 -2.48 8.89 0.21
C SER A 185 -1.40 9.74 0.89
N LEU A 186 -0.63 10.47 0.08
CA LEU A 186 0.43 11.33 0.59
C LEU A 186 0.07 12.79 0.33
N GLY A 187 0.48 13.66 1.25
CA GLY A 187 0.22 15.08 1.10
C GLY A 187 1.18 15.94 1.91
N VAL A 188 0.85 17.22 2.03
CA VAL A 188 1.69 18.15 2.77
C VAL A 188 0.85 19.14 3.58
N SER A 189 1.52 19.95 4.39
CA SER A 189 0.85 20.92 5.23
C SER A 189 1.74 22.15 5.38
N ASN A 190 1.15 23.33 5.28
CA ASN A 190 1.90 24.59 5.39
C ASN A 190 2.90 24.80 4.26
N PHE A 191 2.54 24.33 3.07
CA PHE A 191 3.38 24.48 1.88
C PHE A 191 2.85 25.61 1.00
N ASN A 192 3.73 26.49 0.54
CA ASN A 192 3.33 27.59 -0.34
C ASN A 192 3.44 27.10 -1.78
N ARG A 193 3.00 27.92 -2.74
CA ARG A 193 3.05 27.56 -4.16
C ARG A 193 4.43 27.09 -4.63
N ARG A 194 5.47 27.78 -4.19
CA ARG A 194 6.84 27.45 -4.57
C ARG A 194 7.21 26.03 -4.15
N GLN A 195 6.99 25.75 -2.86
CA GLN A 195 7.31 24.45 -2.28
C GLN A 195 6.48 23.32 -2.89
N LEU A 196 5.25 23.64 -3.31
CA LEU A 196 4.39 22.63 -3.94
C LEU A 196 4.91 22.29 -5.33
N GLU A 197 5.39 23.31 -6.04
CA GLU A 197 5.94 23.14 -7.39
C GLU A 197 7.20 22.28 -7.32
N LEU A 198 7.94 22.44 -6.23
CA LEU A 198 9.17 21.68 -6.01
C LEU A 198 8.88 20.18 -6.16
N ILE A 199 7.80 19.73 -5.54
CA ILE A 199 7.40 18.32 -5.60
C ILE A 199 6.77 17.99 -6.94
N LEU A 200 5.81 18.81 -7.35
CA LEU A 200 5.08 18.61 -8.60
C LEU A 200 5.99 18.53 -9.83
N ASN A 201 7.10 19.26 -9.80
CA ASN A 201 8.03 19.26 -10.93
C ASN A 201 9.25 18.38 -10.65
N LYS A 202 9.20 17.61 -9.56
CA LYS A 202 10.33 16.76 -9.20
C LYS A 202 10.59 15.73 -10.29
N PRO A 203 11.87 15.53 -10.64
CA PRO A 203 12.26 14.57 -11.67
C PRO A 203 11.82 13.16 -11.28
N GLY A 204 11.08 12.51 -12.17
CA GLY A 204 10.62 11.16 -11.89
C GLY A 204 9.70 11.03 -10.70
N LEU A 205 8.76 11.97 -10.57
CA LEU A 205 7.80 11.95 -9.47
C LEU A 205 6.89 10.73 -9.59
N LYS A 206 6.74 9.99 -8.49
CA LYS A 206 5.90 8.80 -8.48
C LYS A 206 4.49 9.08 -7.98
N HIS A 207 4.41 9.67 -6.79
CA HIS A 207 3.13 9.99 -6.19
C HIS A 207 3.05 11.49 -5.93
N LYS A 208 2.08 12.14 -6.56
CA LYS A 208 1.92 13.58 -6.38
C LYS A 208 1.15 13.84 -5.09
N PRO A 209 1.45 14.96 -4.40
CA PRO A 209 0.71 15.23 -3.16
C PRO A 209 -0.76 15.43 -3.53
N VAL A 210 -1.66 14.81 -2.77
CA VAL A 210 -3.08 14.93 -3.06
C VAL A 210 -3.79 15.94 -2.18
N SER A 211 -3.05 16.48 -1.21
CA SER A 211 -3.63 17.43 -0.27
C SER A 211 -2.60 18.35 0.37
N ASN A 212 -3.03 19.57 0.67
CA ASN A 212 -2.18 20.57 1.34
C ASN A 212 -3.06 21.10 2.48
N GLN A 213 -2.66 20.81 3.72
CA GLN A 213 -3.44 21.26 4.87
C GLN A 213 -2.93 22.62 5.31
N VAL A 214 -3.78 23.64 5.21
CA VAL A 214 -3.39 25.00 5.59
C VAL A 214 -4.49 25.74 6.34
N GLU A 215 -4.10 26.82 7.02
CA GLU A 215 -5.07 27.63 7.75
C GLU A 215 -6.04 28.20 6.75
N CYS A 216 -7.33 28.00 6.98
CA CYS A 216 -8.33 28.51 6.06
C CYS A 216 -9.66 28.73 6.76
N HIS A 217 -10.21 29.93 6.59
CA HIS A 217 -11.48 30.34 7.18
C HIS A 217 -11.83 31.70 6.58
N PRO A 218 -13.01 32.24 6.89
CA PRO A 218 -13.41 33.55 6.34
C PRO A 218 -12.45 34.73 6.49
N TYR A 219 -11.56 34.70 7.49
CA TYR A 219 -10.61 35.80 7.67
C TYR A 219 -9.31 35.57 6.91
N PHE A 220 -9.14 34.35 6.40
CA PHE A 220 -7.97 33.99 5.62
C PHE A 220 -8.44 32.91 4.66
N THR A 221 -9.12 33.35 3.61
CA THR A 221 -9.71 32.46 2.61
C THR A 221 -8.79 31.68 1.67
N GLN A 222 -7.50 32.02 1.64
CA GLN A 222 -6.56 31.30 0.78
C GLN A 222 -7.04 31.24 -0.68
N PRO A 223 -7.45 32.38 -1.25
CA PRO A 223 -7.93 32.44 -2.64
C PRO A 223 -6.95 32.01 -3.73
N LYS A 224 -5.71 32.48 -3.65
CA LYS A 224 -4.72 32.14 -4.66
C LYS A 224 -4.11 30.75 -4.46
N LEU A 225 -3.90 30.36 -3.22
CA LEU A 225 -3.34 29.03 -2.96
C LEU A 225 -4.40 27.98 -3.32
N LEU A 226 -5.67 28.32 -3.13
CA LEU A 226 -6.76 27.40 -3.43
C LEU A 226 -6.87 27.14 -4.93
N LYS A 227 -6.78 28.19 -5.73
CA LYS A 227 -6.86 28.07 -7.18
C LYS A 227 -5.66 27.31 -7.73
N PHE A 228 -4.49 27.55 -7.15
CA PHE A 228 -3.29 26.85 -7.61
C PHE A 228 -3.47 25.36 -7.34
N CYS A 229 -3.89 25.02 -6.12
CA CYS A 229 -4.09 23.63 -5.75
C CYS A 229 -5.14 22.96 -6.66
N GLN A 230 -6.19 23.69 -7.00
CA GLN A 230 -7.22 23.14 -7.85
C GLN A 230 -6.68 22.85 -9.25
N GLN A 231 -5.73 23.64 -9.72
CA GLN A 231 -5.15 23.44 -11.03
C GLN A 231 -4.40 22.11 -11.08
N HIS A 232 -3.89 21.67 -9.93
CA HIS A 232 -3.14 20.42 -9.85
C HIS A 232 -3.94 19.30 -9.19
N ASP A 233 -5.24 19.49 -9.05
CA ASP A 233 -6.11 18.48 -8.44
C ASP A 233 -5.76 18.23 -6.98
N ILE A 234 -5.17 19.21 -6.33
CA ILE A 234 -4.80 19.09 -4.94
C ILE A 234 -5.93 19.63 -4.08
N VAL A 235 -6.41 18.83 -3.14
CA VAL A 235 -7.49 19.25 -2.27
C VAL A 235 -6.94 19.96 -1.03
N ILE A 236 -7.58 21.06 -0.68
CA ILE A 236 -7.15 21.83 0.48
C ILE A 236 -7.92 21.42 1.74
N THR A 237 -7.19 21.21 2.82
CA THR A 237 -7.82 20.88 4.08
C THR A 237 -7.63 22.11 4.96
N ALA A 238 -8.75 22.66 5.43
CA ALA A 238 -8.72 23.84 6.26
C ALA A 238 -8.51 23.52 7.73
N TYR A 239 -7.30 23.78 8.23
CA TYR A 239 -7.07 23.55 9.65
C TYR A 239 -7.44 24.86 10.32
N SER A 240 -7.76 24.82 11.61
CA SER A 240 -8.20 26.01 12.34
C SER A 240 -9.36 26.68 11.58
N PRO A 241 -10.32 25.87 11.07
CA PRO A 241 -11.48 26.36 10.32
C PRO A 241 -12.44 27.23 11.11
N LEU A 242 -12.31 27.23 12.43
CA LEU A 242 -13.17 28.04 13.29
C LEU A 242 -12.37 29.20 13.87
N GLY A 243 -11.17 29.41 13.35
CA GLY A 243 -10.32 30.50 13.80
C GLY A 243 -9.35 30.23 14.95
N THR A 244 -9.14 28.96 15.27
CA THR A 244 -8.26 28.52 16.36
C THR A 244 -8.86 28.73 17.74
N SER A 245 -8.19 28.18 18.74
CA SER A 245 -8.63 28.33 20.13
C SER A 245 -8.20 29.71 20.63
N ARG A 246 -7.49 30.45 19.79
CA ARG A 246 -7.01 31.79 20.13
C ARG A 246 -6.11 31.81 21.38
N ASN A 247 -5.21 30.85 21.47
CA ASN A 247 -4.28 30.79 22.59
C ASN A 247 -3.16 31.78 22.27
N PRO A 248 -2.97 32.79 23.13
CA PRO A 248 -1.94 33.83 22.94
C PRO A 248 -0.50 33.33 22.89
N ILE A 249 -0.25 32.17 23.46
CA ILE A 249 1.09 31.60 23.46
C ILE A 249 1.62 31.38 22.05
N TRP A 250 0.73 31.13 21.10
CA TRP A 250 1.16 30.89 19.71
C TRP A 250 0.22 31.44 18.65
N VAL A 251 -0.97 31.87 19.05
CA VAL A 251 -1.92 32.40 18.09
C VAL A 251 -1.89 33.91 18.01
N ASN A 252 -1.94 34.43 16.78
CA ASN A 252 -1.93 35.86 16.52
C ASN A 252 -3.35 36.38 16.72
N VAL A 253 -3.58 37.09 17.81
CA VAL A 253 -4.91 37.61 18.11
C VAL A 253 -5.21 39.04 17.68
N SER A 254 -4.50 39.55 16.68
CA SER A 254 -4.76 40.91 16.23
C SER A 254 -6.19 40.98 15.70
N SER A 255 -6.63 39.91 15.04
CA SER A 255 -7.98 39.85 14.50
C SER A 255 -8.99 39.48 15.59
N PRO A 256 -10.19 40.06 15.55
CA PRO A 256 -11.21 39.75 16.56
C PRO A 256 -11.67 38.30 16.39
N PRO A 257 -12.32 37.73 17.42
CA PRO A 257 -12.80 36.35 17.34
C PRO A 257 -13.65 36.13 16.10
N LEU A 258 -13.25 35.19 15.25
CA LEU A 258 -13.99 34.89 14.03
C LEU A 258 -15.47 34.61 14.32
N LEU A 259 -15.75 33.77 15.32
CA LEU A 259 -17.12 33.40 15.64
C LEU A 259 -17.98 34.52 16.21
N LYS A 260 -17.41 35.71 16.38
CA LYS A 260 -18.17 36.85 16.88
C LYS A 260 -18.50 37.77 15.72
N ASP A 261 -18.03 37.40 14.53
CA ASP A 261 -18.27 38.19 13.33
C ASP A 261 -19.74 38.53 13.14
N ALA A 262 -19.99 39.80 12.80
CA ALA A 262 -21.35 40.31 12.60
C ALA A 262 -22.08 39.61 11.46
N LEU A 263 -21.46 39.57 10.29
CA LEU A 263 -22.08 38.92 9.14
C LEU A 263 -22.34 37.43 9.39
N LEU A 264 -21.33 36.73 9.89
CA LEU A 264 -21.46 35.30 10.15
C LEU A 264 -22.59 34.99 11.13
N ASN A 265 -22.73 35.81 12.16
CA ASN A 265 -23.79 35.62 13.15
C ASN A 265 -25.13 36.04 12.56
N SER A 266 -25.10 37.07 11.71
CA SER A 266 -26.30 37.55 11.05
C SER A 266 -26.82 36.44 10.14
N LEU A 267 -25.92 35.81 9.39
CA LEU A 267 -26.29 34.74 8.48
C LEU A 267 -26.76 33.53 9.28
N GLY A 268 -26.15 33.32 10.45
CA GLY A 268 -26.54 32.21 11.29
C GLY A 268 -28.00 32.33 11.69
N LYS A 269 -28.42 33.54 12.04
CA LYS A 269 -29.80 33.78 12.43
C LYS A 269 -30.75 33.43 11.29
N ARG A 270 -30.35 33.78 10.08
CA ARG A 270 -31.17 33.51 8.90
C ARG A 270 -31.46 32.03 8.71
N TYR A 271 -30.48 31.17 8.97
CA TYR A 271 -30.67 29.73 8.81
C TYR A 271 -30.82 29.03 10.15
N ASN A 272 -30.87 29.81 11.23
CA ASN A 272 -30.99 29.26 12.58
C ASN A 272 -29.81 28.33 12.83
N LYS A 273 -28.62 28.78 12.43
CA LYS A 273 -27.39 28.03 12.61
C LYS A 273 -26.38 28.93 13.34
N THR A 274 -25.42 28.33 14.04
CA THR A 274 -24.42 29.13 14.76
C THR A 274 -23.41 29.66 13.72
N ALA A 275 -22.58 30.61 14.15
CA ALA A 275 -21.56 31.18 13.26
C ALA A 275 -20.59 30.08 12.86
N ALA A 276 -20.30 29.20 13.81
CA ALA A 276 -19.39 28.09 13.56
C ALA A 276 -19.92 27.23 12.40
N GLN A 277 -21.21 26.89 12.45
CA GLN A 277 -21.82 26.08 11.41
C GLN A 277 -21.79 26.81 10.07
N ILE A 278 -21.95 28.13 10.12
CA ILE A 278 -21.92 28.95 8.92
C ILE A 278 -20.53 28.91 8.28
N VAL A 279 -19.48 29.09 9.08
CA VAL A 279 -18.13 29.08 8.53
C VAL A 279 -17.71 27.71 7.99
N LEU A 280 -18.19 26.64 8.62
CA LEU A 280 -17.85 25.31 8.14
C LEU A 280 -18.52 25.03 6.80
N ARG A 281 -19.80 25.39 6.70
CA ARG A 281 -20.56 25.21 5.48
C ARG A 281 -19.88 25.99 4.35
N PHE A 282 -19.43 27.19 4.69
CA PHE A 282 -18.74 28.04 3.72
C PHE A 282 -17.60 27.30 3.01
N ASN A 283 -16.69 26.73 3.80
CA ASN A 283 -15.56 26.01 3.21
C ASN A 283 -15.91 24.71 2.48
N ILE A 284 -16.81 23.90 3.03
CA ILE A 284 -17.13 22.66 2.34
C ILE A 284 -17.89 22.92 1.05
N GLN A 285 -18.67 24.00 1.02
CA GLN A 285 -19.44 24.35 -0.16
C GLN A 285 -18.50 24.74 -1.30
N ARG A 286 -17.30 25.20 -0.95
CA ARG A 286 -16.32 25.60 -1.95
C ARG A 286 -15.30 24.47 -2.19
N GLY A 287 -15.64 23.26 -1.73
CA GLY A 287 -14.76 22.11 -1.93
C GLY A 287 -13.57 22.02 -0.99
N VAL A 288 -13.63 22.74 0.13
CA VAL A 288 -12.53 22.69 1.08
C VAL A 288 -12.88 21.80 2.27
N VAL A 289 -12.00 20.84 2.54
CA VAL A 289 -12.19 19.93 3.66
C VAL A 289 -11.93 20.71 4.95
N VAL A 290 -12.78 20.51 5.95
CA VAL A 290 -12.61 21.21 7.22
C VAL A 290 -12.43 20.21 8.36
N ILE A 291 -11.52 20.53 9.28
CA ILE A 291 -11.25 19.65 10.41
C ILE A 291 -11.42 20.35 11.76
N PRO A 292 -12.62 20.87 12.04
CA PRO A 292 -12.83 21.57 13.31
C PRO A 292 -12.55 20.66 14.51
N LYS A 293 -11.86 21.22 15.49
CA LYS A 293 -11.55 20.46 16.70
C LYS A 293 -12.48 20.85 17.84
N SER A 294 -12.96 19.85 18.56
CA SER A 294 -13.82 20.07 19.71
C SER A 294 -13.85 18.81 20.56
N PHE A 295 -13.58 18.98 21.85
CA PHE A 295 -13.63 17.86 22.78
C PHE A 295 -14.84 18.07 23.67
N ASN A 296 -15.80 18.82 23.17
CA ASN A 296 -17.05 19.11 23.89
C ASN A 296 -18.17 18.36 23.17
N LEU A 297 -18.85 17.49 23.91
CA LEU A 297 -19.93 16.67 23.39
C LEU A 297 -20.91 17.43 22.49
N GLU A 298 -21.45 18.53 23.00
CA GLU A 298 -22.41 19.32 22.25
C GLU A 298 -21.84 20.01 21.01
N ARG A 299 -20.64 20.56 21.13
CA ARG A 299 -20.03 21.24 19.98
C ARG A 299 -19.57 20.28 18.90
N ILE A 300 -19.25 19.05 19.29
CA ILE A 300 -18.83 18.04 18.32
C ILE A 300 -20.00 17.79 17.36
N LYS A 301 -21.19 17.59 17.93
CA LYS A 301 -22.39 17.35 17.13
C LYS A 301 -22.86 18.60 16.39
N GLU A 302 -22.66 19.77 16.99
CA GLU A 302 -23.07 21.01 16.34
C GLU A 302 -22.28 21.21 15.05
N ASN A 303 -20.97 21.00 15.11
CA ASN A 303 -20.13 21.19 13.94
C ASN A 303 -20.46 20.23 12.80
N PHE A 304 -21.13 19.13 13.10
CA PHE A 304 -21.47 18.15 12.08
C PHE A 304 -22.78 18.46 11.37
N GLN A 305 -23.59 19.35 11.95
CA GLN A 305 -24.88 19.70 11.38
C GLN A 305 -24.73 20.80 10.33
N ILE A 306 -24.17 20.45 9.18
CA ILE A 306 -23.96 21.43 8.10
C ILE A 306 -24.32 20.86 6.72
N PHE A 307 -25.18 19.85 6.71
CA PHE A 307 -25.61 19.23 5.46
C PHE A 307 -27.09 19.50 5.21
N ASP A 308 -27.78 20.05 6.19
CA ASP A 308 -29.20 20.32 6.05
C ASP A 308 -29.54 21.73 5.56
N PHE A 309 -28.56 22.41 5.00
CA PHE A 309 -28.76 23.75 4.44
C PHE A 309 -27.60 24.08 3.53
N SER A 310 -27.71 25.18 2.80
CA SER A 310 -26.65 25.63 1.90
C SER A 310 -26.74 27.14 1.77
N LEU A 311 -25.61 27.78 1.47
CA LEU A 311 -25.57 29.22 1.33
C LEU A 311 -25.72 29.63 -0.13
N THR A 312 -26.36 30.77 -0.35
CA THR A 312 -26.56 31.29 -1.68
C THR A 312 -25.23 31.80 -2.23
N GLU A 313 -25.14 32.00 -3.54
CA GLU A 313 -23.92 32.51 -4.15
C GLU A 313 -23.61 33.90 -3.62
N GLU A 314 -24.66 34.67 -3.35
CA GLU A 314 -24.49 36.03 -2.84
C GLU A 314 -23.91 36.00 -1.43
N GLU A 315 -24.34 35.04 -0.62
CA GLU A 315 -23.83 34.91 0.75
C GLU A 315 -22.39 34.40 0.71
N MET A 316 -22.13 33.44 -0.18
CA MET A 316 -20.80 32.87 -0.32
C MET A 316 -19.81 33.97 -0.67
N LYS A 317 -20.23 34.90 -1.52
CA LYS A 317 -19.38 36.00 -1.94
C LYS A 317 -19.16 37.00 -0.82
N ASP A 318 -20.20 37.27 -0.04
CA ASP A 318 -20.09 38.20 1.07
C ASP A 318 -19.26 37.60 2.20
N ILE A 319 -19.26 36.28 2.32
CA ILE A 319 -18.47 35.62 3.36
C ILE A 319 -17.01 35.64 2.94
N GLU A 320 -16.76 35.31 1.68
CA GLU A 320 -15.41 35.29 1.14
C GLU A 320 -14.82 36.70 1.25
N ALA A 321 -15.68 37.71 1.08
CA ALA A 321 -15.25 39.11 1.15
C ALA A 321 -14.79 39.50 2.55
N LEU A 322 -14.94 38.59 3.51
CA LEU A 322 -14.53 38.86 4.89
C LEU A 322 -13.03 38.67 5.09
N ASN A 323 -12.37 38.09 4.09
CA ASN A 323 -10.94 37.83 4.16
C ASN A 323 -10.14 39.06 4.55
N LYS A 324 -9.25 38.90 5.52
CA LYS A 324 -8.42 40.01 5.99
C LYS A 324 -6.96 39.80 5.59
N ASN A 325 -6.62 38.58 5.23
CA ASN A 325 -5.25 38.26 4.85
C ASN A 325 -4.33 38.29 6.06
N VAL A 326 -4.91 38.00 7.23
CA VAL A 326 -4.16 37.97 8.47
C VAL A 326 -4.30 36.55 9.01
N ARG A 327 -3.15 35.91 9.28
CA ARG A 327 -3.14 34.54 9.79
C ARG A 327 -3.25 34.50 11.30
N PHE A 328 -3.95 33.49 11.82
CA PHE A 328 -4.06 33.32 13.26
C PHE A 328 -2.82 32.51 13.64
N VAL A 329 -2.32 31.73 12.69
CA VAL A 329 -1.14 30.91 12.92
C VAL A 329 0.01 31.42 12.05
N GLU A 330 0.84 32.28 12.64
CA GLU A 330 1.97 32.88 11.93
C GLU A 330 3.31 32.18 12.19
N LEU A 331 3.47 31.62 13.38
CA LEU A 331 4.70 30.93 13.73
C LEU A 331 5.93 31.80 13.45
N LEU A 332 5.80 33.09 13.78
CA LEU A 332 6.87 34.06 13.56
C LEU A 332 8.24 33.58 14.02
N MET A 333 8.29 32.85 15.13
CA MET A 333 9.57 32.38 15.68
C MET A 333 10.39 31.53 14.70
N TRP A 334 9.80 31.18 13.56
CA TRP A 334 10.50 30.37 12.56
C TRP A 334 10.55 31.09 11.22
N ARG A 335 10.30 32.40 11.24
CA ARG A 335 10.29 33.21 10.02
C ARG A 335 11.67 33.30 9.37
N ASP A 336 12.70 32.97 10.13
CA ASP A 336 14.09 33.03 9.65
C ASP A 336 14.51 31.72 8.98
N HIS A 337 13.76 30.64 9.25
CA HIS A 337 14.09 29.36 8.65
C HIS A 337 13.97 29.48 7.14
N PRO A 338 14.91 28.86 6.39
CA PRO A 338 14.88 28.92 4.94
C PRO A 338 13.56 28.50 4.31
N GLU A 339 12.89 27.50 4.89
CA GLU A 339 11.64 27.02 4.34
C GLU A 339 10.38 27.65 4.94
N TYR A 340 10.52 28.79 5.60
CA TYR A 340 9.35 29.47 6.17
C TYR A 340 8.43 29.73 4.97
N PRO A 341 7.19 29.21 5.01
CA PRO A 341 6.24 29.38 3.91
C PRO A 341 5.40 30.65 3.84
N PHE A 342 5.30 31.38 4.94
CA PHE A 342 4.46 32.56 4.99
C PHE A 342 5.02 33.90 4.50
N HIS A 343 6.25 33.91 3.97
CA HIS A 343 6.82 35.14 3.46
C HIS A 343 6.20 35.46 2.10
N ASP A 344 6.11 34.43 1.27
CA ASP A 344 5.57 34.61 -0.07
C ASP A 344 4.09 34.93 -0.05
N GLU A 345 3.61 35.59 -1.10
CA GLU A 345 2.21 35.95 -1.21
C GLU A 345 1.33 34.73 -0.98
N TYR A 346 1.62 33.65 -1.71
CA TYR A 346 0.88 32.40 -1.57
C TYR A 346 1.74 31.24 -2.07
N ASP B 22 -4.50 -26.63 -28.11
CA ASP B 22 -3.08 -26.17 -28.20
C ASP B 22 -2.87 -24.78 -27.63
N LEU B 23 -1.61 -24.38 -27.59
CA LEU B 23 -1.22 -23.08 -27.06
C LEU B 23 -0.61 -22.22 -28.15
N SER B 24 -1.01 -20.95 -28.18
CA SER B 24 -0.48 -20.01 -29.16
C SER B 24 -0.03 -18.77 -28.40
N ALA B 25 0.77 -17.92 -29.04
CA ALA B 25 1.24 -16.70 -28.39
C ALA B 25 0.05 -15.80 -28.08
N ALA B 26 -1.00 -15.91 -28.87
CA ALA B 26 -2.19 -15.09 -28.66
C ALA B 26 -3.19 -15.74 -27.73
N SER B 27 -3.09 -17.06 -27.57
CA SER B 27 -4.01 -17.79 -26.70
C SER B 27 -3.34 -19.00 -26.04
N HIS B 28 -3.02 -18.89 -24.76
CA HIS B 28 -2.38 -20.00 -24.04
C HIS B 28 -2.82 -20.12 -22.58
N ARG B 29 -4.11 -19.99 -22.34
CA ARG B 29 -4.65 -20.10 -20.98
C ARG B 29 -5.22 -21.48 -20.74
N ILE B 30 -4.78 -22.12 -19.65
CA ILE B 30 -5.29 -23.44 -19.31
C ILE B 30 -6.26 -23.32 -18.14
N PRO B 31 -7.29 -24.17 -18.10
CA PRO B 31 -8.31 -24.18 -17.05
C PRO B 31 -7.85 -24.49 -15.63
N LEU B 32 -8.57 -23.92 -14.67
CA LEU B 32 -8.32 -24.13 -13.25
C LEU B 32 -9.61 -24.79 -12.76
N SER B 33 -9.48 -25.67 -11.76
CA SER B 33 -10.64 -26.39 -11.24
C SER B 33 -11.78 -25.51 -10.73
N ASP B 34 -11.52 -24.23 -10.51
CA ASP B 34 -12.56 -23.35 -10.00
C ASP B 34 -13.29 -22.59 -11.11
N GLY B 35 -13.01 -22.94 -12.36
CA GLY B 35 -13.66 -22.28 -13.47
C GLY B 35 -12.88 -21.16 -14.10
N ASN B 36 -11.81 -20.74 -13.46
CA ASN B 36 -10.99 -19.66 -14.01
C ASN B 36 -9.92 -20.30 -14.90
N SER B 37 -9.00 -19.48 -15.41
CA SER B 37 -7.93 -19.99 -16.26
C SER B 37 -6.65 -19.22 -15.95
N ILE B 38 -5.52 -19.80 -16.35
CA ILE B 38 -4.24 -19.15 -16.09
C ILE B 38 -3.33 -19.23 -17.31
N PRO B 39 -2.72 -18.09 -17.69
CA PRO B 39 -1.84 -18.13 -18.87
C PRO B 39 -0.70 -19.10 -18.55
N ILE B 40 -0.46 -20.05 -19.45
CA ILE B 40 0.56 -21.07 -19.24
C ILE B 40 1.98 -20.55 -19.01
N ILE B 41 2.27 -19.32 -19.42
CA ILE B 41 3.57 -18.72 -19.17
C ILE B 41 3.37 -17.37 -18.49
N GLY B 42 4.20 -17.06 -17.50
CA GLY B 42 4.10 -15.79 -16.80
C GLY B 42 5.50 -15.23 -16.55
N LEU B 43 5.60 -13.98 -16.11
CA LEU B 43 6.91 -13.39 -15.83
C LEU B 43 7.18 -13.41 -14.33
N GLY B 44 8.31 -14.03 -13.95
CA GLY B 44 8.69 -14.09 -12.55
C GLY B 44 9.27 -12.74 -12.18
N THR B 45 9.11 -12.31 -10.94
CA THR B 45 9.63 -11.00 -10.58
C THR B 45 10.55 -10.94 -9.38
N TYR B 46 11.00 -12.08 -8.89
CA TYR B 46 11.91 -12.04 -7.76
C TYR B 46 13.27 -11.58 -8.30
N SER B 47 13.93 -10.71 -7.54
CA SER B 47 15.23 -10.18 -7.93
C SER B 47 15.90 -9.62 -6.67
N GLU B 48 17.15 -10.01 -6.46
CA GLU B 48 17.91 -9.56 -5.30
C GLU B 48 17.76 -8.04 -5.10
N PRO B 49 17.00 -7.64 -4.07
CA PRO B 49 16.73 -6.25 -3.71
C PRO B 49 17.96 -5.34 -3.68
N LYS B 50 18.88 -5.64 -2.77
CA LYS B 50 20.11 -4.87 -2.59
C LYS B 50 20.85 -4.52 -3.87
N SER B 51 20.68 -5.33 -4.92
CA SER B 51 21.40 -5.09 -6.17
C SER B 51 20.53 -4.84 -7.39
N THR B 52 19.23 -4.65 -7.19
CA THR B 52 18.34 -4.40 -8.32
C THR B 52 17.95 -2.94 -8.42
N PRO B 53 18.31 -2.28 -9.51
CA PRO B 53 17.96 -0.86 -9.66
C PRO B 53 16.45 -0.69 -9.62
N LYS B 54 16.00 0.38 -8.98
CA LYS B 54 14.57 0.64 -8.87
C LYS B 54 14.00 0.90 -10.26
N GLY B 55 12.78 0.41 -10.49
CA GLY B 55 12.15 0.60 -11.79
C GLY B 55 12.42 -0.53 -12.77
N ALA B 56 13.46 -1.31 -12.51
CA ALA B 56 13.82 -2.43 -13.37
C ALA B 56 12.66 -3.43 -13.50
N CYS B 57 11.96 -3.66 -12.40
CA CYS B 57 10.83 -4.58 -12.41
C CYS B 57 9.67 -3.99 -13.20
N ALA B 58 9.36 -2.72 -12.92
CA ALA B 58 8.28 -2.04 -13.63
C ALA B 58 8.54 -2.04 -15.15
N THR B 59 9.76 -1.71 -15.55
CA THR B 59 10.11 -1.67 -16.96
C THR B 59 9.97 -3.05 -17.60
N SER B 60 10.37 -4.08 -16.86
CA SER B 60 10.30 -5.45 -17.35
C SER B 60 8.87 -5.96 -17.51
N VAL B 61 8.00 -5.60 -16.57
CA VAL B 61 6.61 -6.03 -16.65
C VAL B 61 5.92 -5.44 -17.88
N LYS B 62 6.16 -4.16 -18.14
CA LYS B 62 5.55 -3.50 -19.29
C LYS B 62 6.05 -4.12 -20.59
N VAL B 63 7.34 -4.44 -20.63
CA VAL B 63 7.94 -5.05 -21.82
C VAL B 63 7.34 -6.43 -22.04
N ALA B 64 7.11 -7.16 -20.95
CA ALA B 64 6.54 -8.49 -21.04
C ALA B 64 5.11 -8.43 -21.59
N ILE B 65 4.34 -7.45 -21.11
CA ILE B 65 2.96 -7.30 -21.56
C ILE B 65 2.91 -6.92 -23.04
N ASP B 66 3.82 -6.07 -23.48
CA ASP B 66 3.87 -5.68 -24.89
C ASP B 66 4.28 -6.89 -25.74
N THR B 67 5.15 -7.71 -25.19
CA THR B 67 5.65 -8.91 -25.87
C THR B 67 4.54 -9.96 -26.00
N GLY B 68 3.55 -9.89 -25.12
CA GLY B 68 2.46 -10.85 -25.17
C GLY B 68 2.15 -11.54 -23.86
N TYR B 69 2.97 -11.34 -22.83
CA TYR B 69 2.71 -11.95 -21.53
C TYR B 69 1.40 -11.39 -20.94
N ARG B 70 0.64 -12.26 -20.28
CA ARG B 70 -0.62 -11.85 -19.66
C ARG B 70 -0.71 -12.38 -18.23
N HIS B 71 0.42 -12.86 -17.72
CA HIS B 71 0.50 -13.42 -16.37
C HIS B 71 1.80 -12.96 -15.71
N ILE B 72 1.68 -12.33 -14.53
CA ILE B 72 2.85 -11.87 -13.79
C ILE B 72 2.85 -12.51 -12.40
N ASP B 73 3.98 -13.07 -12.01
CA ASP B 73 4.08 -13.69 -10.69
C ASP B 73 4.92 -12.80 -9.77
N GLY B 74 4.36 -12.48 -8.61
CA GLY B 74 5.05 -11.63 -7.65
C GLY B 74 4.69 -11.93 -6.21
N ALA B 75 5.27 -11.17 -5.30
CA ALA B 75 5.01 -11.36 -3.87
C ALA B 75 5.41 -10.08 -3.13
N TYR B 76 4.71 -9.80 -2.04
CA TYR B 76 5.02 -8.62 -1.26
C TYR B 76 6.47 -8.66 -0.76
N ILE B 77 6.91 -9.83 -0.33
CA ILE B 77 8.27 -9.97 0.20
C ILE B 77 9.39 -9.80 -0.83
N TYR B 78 9.04 -9.67 -2.10
CA TYR B 78 10.03 -9.49 -3.15
C TYR B 78 10.47 -8.03 -3.12
N GLN B 79 9.73 -7.21 -2.38
CA GLN B 79 10.02 -5.78 -2.23
C GLN B 79 9.71 -4.91 -3.46
N ASN B 80 9.21 -5.52 -4.53
CA ASN B 80 8.92 -4.75 -5.75
C ASN B 80 7.49 -4.93 -6.23
N GLU B 81 6.63 -5.47 -5.39
CA GLU B 81 5.24 -5.70 -5.78
C GLU B 81 4.58 -4.41 -6.28
N HIS B 82 5.00 -3.26 -5.73
CA HIS B 82 4.44 -1.98 -6.13
C HIS B 82 4.84 -1.65 -7.58
N GLU B 83 6.00 -2.12 -8.01
CA GLU B 83 6.47 -1.89 -9.37
C GLU B 83 5.65 -2.70 -10.38
N VAL B 84 5.21 -3.88 -9.96
CA VAL B 84 4.37 -4.73 -10.81
C VAL B 84 3.07 -3.95 -11.00
N GLY B 85 2.54 -3.44 -9.91
CA GLY B 85 1.29 -2.69 -9.96
C GLY B 85 1.38 -1.49 -10.88
N GLU B 86 2.45 -0.72 -10.78
CA GLU B 86 2.66 0.45 -11.62
C GLU B 86 2.60 0.07 -13.10
N ALA B 87 3.37 -0.94 -13.47
CA ALA B 87 3.43 -1.42 -14.86
C ALA B 87 2.07 -1.90 -15.37
N ILE B 88 1.39 -2.73 -14.57
CA ILE B 88 0.09 -3.25 -14.96
C ILE B 88 -0.88 -2.10 -15.21
N ARG B 89 -0.98 -1.20 -14.23
CA ARG B 89 -1.88 -0.06 -14.32
C ARG B 89 -1.56 0.84 -15.51
N GLU B 90 -0.28 1.06 -15.79
CA GLU B 90 0.09 1.90 -16.92
C GLU B 90 -0.37 1.27 -18.24
N LYS B 91 -0.14 -0.03 -18.39
CA LYS B 91 -0.53 -0.76 -19.60
C LYS B 91 -2.04 -0.72 -19.77
N ILE B 92 -2.76 -0.74 -18.66
CA ILE B 92 -4.21 -0.67 -18.70
C ILE B 92 -4.59 0.76 -19.10
N ALA B 93 -3.84 1.73 -18.58
CA ALA B 93 -4.09 3.14 -18.86
C ALA B 93 -4.03 3.43 -20.35
N GLU B 94 -3.00 2.91 -21.02
CA GLU B 94 -2.86 3.13 -22.45
C GLU B 94 -3.78 2.23 -23.26
N GLY B 95 -4.57 1.43 -22.57
CA GLY B 95 -5.51 0.55 -23.25
C GLY B 95 -4.88 -0.68 -23.89
N LYS B 96 -3.58 -0.87 -23.68
CA LYS B 96 -2.88 -2.01 -24.24
C LYS B 96 -3.57 -3.31 -23.83
N VAL B 97 -4.04 -3.36 -22.58
CA VAL B 97 -4.73 -4.54 -22.06
C VAL B 97 -5.76 -4.11 -21.02
N ARG B 98 -6.82 -4.91 -20.87
CA ARG B 98 -7.85 -4.62 -19.89
C ARG B 98 -7.49 -5.38 -18.62
N ARG B 99 -8.02 -4.95 -17.48
CA ARG B 99 -7.73 -5.63 -16.22
C ARG B 99 -7.97 -7.13 -16.31
N GLU B 100 -9.07 -7.52 -16.95
CA GLU B 100 -9.43 -8.92 -17.08
C GLU B 100 -8.46 -9.71 -17.96
N ASP B 101 -7.60 -9.03 -18.70
CA ASP B 101 -6.65 -9.71 -19.57
C ASP B 101 -5.36 -10.05 -18.83
N ILE B 102 -5.14 -9.39 -17.70
CA ILE B 102 -3.95 -9.62 -16.91
C ILE B 102 -4.20 -10.53 -15.72
N PHE B 103 -3.27 -11.45 -15.48
CA PHE B 103 -3.37 -12.41 -14.40
C PHE B 103 -2.21 -12.20 -13.43
N TYR B 104 -2.52 -11.81 -12.21
CA TYR B 104 -1.49 -11.62 -11.21
C TYR B 104 -1.62 -12.59 -10.05
N CYS B 105 -0.50 -13.20 -9.69
CA CYS B 105 -0.45 -14.13 -8.57
C CYS B 105 0.30 -13.46 -7.42
N GLY B 106 -0.27 -13.51 -6.24
CA GLY B 106 0.36 -12.92 -5.06
C GLY B 106 0.56 -14.03 -4.05
N LYS B 107 1.35 -13.76 -3.01
CA LYS B 107 1.64 -14.79 -2.02
C LYS B 107 1.63 -14.32 -0.57
N LEU B 108 1.06 -15.16 0.30
CA LEU B 108 0.96 -14.91 1.74
C LEU B 108 2.19 -15.54 2.41
N TRP B 109 3.11 -14.70 2.89
CA TRP B 109 4.31 -15.19 3.54
C TRP B 109 4.09 -15.90 4.89
N ALA B 110 5.05 -16.74 5.26
CA ALA B 110 5.04 -17.53 6.50
C ALA B 110 4.74 -16.76 7.78
N THR B 111 5.09 -15.48 7.80
CA THR B 111 4.85 -14.66 8.99
C THR B 111 3.39 -14.19 9.11
N ASN B 112 2.59 -14.45 8.07
CA ASN B 112 1.20 -14.01 8.09
C ASN B 112 0.17 -15.13 8.02
N HIS B 113 0.49 -16.29 8.58
CA HIS B 113 -0.42 -17.43 8.54
C HIS B 113 -1.53 -17.43 9.59
N VAL B 114 -1.43 -16.56 10.60
CA VAL B 114 -2.48 -16.49 11.61
C VAL B 114 -3.75 -16.07 10.89
N PRO B 115 -4.85 -16.81 11.09
CA PRO B 115 -6.13 -16.48 10.44
C PRO B 115 -6.43 -14.98 10.39
N GLU B 116 -6.47 -14.36 11.57
CA GLU B 116 -6.75 -12.94 11.70
C GLU B 116 -5.90 -12.06 10.79
N MET B 117 -4.69 -12.53 10.50
CA MET B 117 -3.76 -11.77 9.66
C MET B 117 -3.89 -11.98 8.16
N VAL B 118 -4.53 -13.06 7.74
CA VAL B 118 -4.65 -13.34 6.31
C VAL B 118 -5.27 -12.22 5.47
N ARG B 119 -6.51 -11.83 5.77
CA ARG B 119 -7.14 -10.79 4.97
C ARG B 119 -6.42 -9.43 5.00
N PRO B 120 -5.97 -9.00 6.18
CA PRO B 120 -5.27 -7.71 6.22
C PRO B 120 -4.01 -7.72 5.36
N THR B 121 -3.34 -8.87 5.32
CA THR B 121 -2.13 -9.03 4.52
C THR B 121 -2.43 -8.90 3.03
N LEU B 122 -3.57 -9.45 2.60
CA LEU B 122 -3.96 -9.36 1.21
C LEU B 122 -4.36 -7.93 0.86
N GLU B 123 -5.02 -7.25 1.80
CA GLU B 123 -5.45 -5.88 1.56
C GLU B 123 -4.23 -4.97 1.42
N ARG B 124 -3.17 -5.30 2.16
CA ARG B 124 -1.94 -4.52 2.10
C ARG B 124 -1.39 -4.63 0.68
N THR B 125 -1.39 -5.85 0.16
CA THR B 125 -0.90 -6.09 -1.19
C THR B 125 -1.79 -5.38 -2.20
N LEU B 126 -3.09 -5.34 -1.93
CA LEU B 126 -4.00 -4.67 -2.84
C LEU B 126 -3.70 -3.18 -2.83
N ARG B 127 -3.27 -2.66 -1.68
CA ARG B 127 -2.93 -1.24 -1.57
C ARG B 127 -1.64 -0.99 -2.32
N VAL B 128 -0.69 -1.92 -2.19
CA VAL B 128 0.58 -1.80 -2.88
C VAL B 128 0.40 -1.81 -4.39
N LEU B 129 -0.45 -2.72 -4.89
CA LEU B 129 -0.73 -2.83 -6.32
C LEU B 129 -1.68 -1.74 -6.80
N GLN B 130 -2.49 -1.23 -5.89
CA GLN B 130 -3.50 -0.21 -6.22
C GLN B 130 -4.54 -0.83 -7.16
N LEU B 131 -4.89 -2.08 -6.87
CA LEU B 131 -5.87 -2.83 -7.63
C LEU B 131 -6.94 -3.32 -6.65
N ASP B 132 -8.09 -3.74 -7.18
CA ASP B 132 -9.19 -4.20 -6.34
C ASP B 132 -9.16 -5.68 -5.94
N TYR B 133 -8.39 -6.49 -6.66
CA TYR B 133 -8.30 -7.91 -6.34
C TYR B 133 -7.13 -8.56 -7.06
N VAL B 134 -6.71 -9.73 -6.59
CA VAL B 134 -5.63 -10.46 -7.23
C VAL B 134 -6.27 -11.68 -7.88
N ASP B 135 -5.72 -12.08 -9.02
CA ASP B 135 -6.26 -13.23 -9.74
C ASP B 135 -6.01 -14.52 -8.98
N LEU B 136 -4.85 -14.62 -8.34
CA LEU B 136 -4.48 -15.81 -7.58
C LEU B 136 -3.63 -15.43 -6.38
N TYR B 137 -4.00 -15.97 -5.22
CA TYR B 137 -3.28 -15.71 -3.98
C TYR B 137 -2.96 -17.08 -3.39
N ILE B 138 -1.69 -17.32 -3.07
CA ILE B 138 -1.29 -18.62 -2.54
C ILE B 138 -0.48 -18.52 -1.25
N ILE B 139 -0.56 -19.58 -0.45
CA ILE B 139 0.20 -19.63 0.79
C ILE B 139 1.62 -19.93 0.30
N GLU B 140 2.51 -18.97 0.49
CA GLU B 140 3.90 -19.05 0.02
C GLU B 140 4.69 -20.30 0.41
N VAL B 141 4.56 -20.72 1.66
CA VAL B 141 5.22 -21.93 2.17
C VAL B 141 4.26 -22.53 3.20
N PRO B 142 4.34 -23.85 3.44
CA PRO B 142 3.46 -24.51 4.42
C PRO B 142 3.89 -24.29 5.87
N MET B 143 5.04 -23.66 6.06
CA MET B 143 5.58 -23.40 7.39
C MET B 143 5.16 -22.05 7.94
N ALA B 144 4.73 -22.03 9.20
CA ALA B 144 4.33 -20.78 9.84
C ALA B 144 5.47 -20.23 10.70
N PHE B 145 5.80 -18.97 10.47
CA PHE B 145 6.86 -18.28 11.22
C PHE B 145 6.20 -17.33 12.22
N LYS B 146 6.99 -16.80 13.15
CA LYS B 146 6.46 -15.87 14.14
C LYS B 146 5.84 -14.64 13.49
N PRO B 147 4.61 -14.27 13.93
CA PRO B 147 3.92 -13.09 13.37
C PRO B 147 4.77 -11.83 13.59
N GLY B 148 4.65 -10.87 12.69
CA GLY B 148 5.42 -9.63 12.81
C GLY B 148 5.79 -9.04 11.46
N ASP B 149 6.34 -7.82 11.47
CA ASP B 149 6.75 -7.14 10.24
C ASP B 149 7.95 -7.79 9.57
N GLU B 150 8.93 -8.19 10.38
CA GLU B 150 10.13 -8.82 9.86
C GLU B 150 9.75 -10.12 9.16
N ILE B 151 10.12 -10.23 7.88
CA ILE B 151 9.81 -11.41 7.08
C ILE B 151 10.70 -12.60 7.42
N TYR B 152 11.89 -12.33 7.97
CA TYR B 152 12.83 -13.38 8.34
C TYR B 152 13.19 -13.26 9.82
N PRO B 153 12.22 -13.50 10.71
CA PRO B 153 12.39 -13.41 12.16
C PRO B 153 13.39 -14.40 12.77
N ARG B 154 14.35 -13.86 13.52
CA ARG B 154 15.37 -14.65 14.20
C ARG B 154 15.70 -13.97 15.53
N ASP B 155 16.02 -14.75 16.56
CA ASP B 155 16.34 -14.15 17.85
C ASP B 155 17.78 -13.64 17.88
N GLU B 156 18.20 -13.14 19.03
CA GLU B 156 19.56 -12.60 19.17
C GLU B 156 20.65 -13.62 18.83
N ASN B 157 20.33 -14.91 18.92
CA ASN B 157 21.30 -15.96 18.60
C ASN B 157 21.16 -16.46 17.16
N GLY B 158 20.33 -15.79 16.37
CA GLY B 158 20.14 -16.19 14.98
C GLY B 158 19.20 -17.36 14.78
N LYS B 159 18.58 -17.84 15.84
CA LYS B 159 17.66 -18.97 15.71
C LYS B 159 16.38 -18.50 15.03
N TRP B 160 15.94 -19.25 14.02
CA TRP B 160 14.72 -18.90 13.30
C TRP B 160 13.47 -19.00 14.20
N LEU B 161 12.66 -17.96 14.19
CA LEU B 161 11.45 -17.92 15.01
C LEU B 161 10.23 -18.45 14.26
N TYR B 162 9.72 -19.59 14.72
CA TYR B 162 8.57 -20.24 14.12
C TYR B 162 7.28 -20.03 14.92
N HIS B 163 6.19 -20.58 14.40
CA HIS B 163 4.91 -20.50 15.06
C HIS B 163 4.20 -21.81 14.79
N LYS B 164 3.21 -22.16 15.60
CA LYS B 164 2.51 -23.41 15.38
C LYS B 164 1.73 -23.32 14.06
N SER B 165 1.96 -24.29 13.18
CA SER B 165 1.28 -24.30 11.90
C SER B 165 -0.10 -24.92 11.98
N ASN B 166 -1.07 -24.24 11.39
CA ASN B 166 -2.43 -24.74 11.34
C ASN B 166 -2.96 -24.44 9.94
N LEU B 167 -2.55 -25.25 8.99
CA LEU B 167 -2.94 -25.09 7.59
C LEU B 167 -4.44 -24.99 7.38
N CYS B 168 -5.22 -25.81 8.07
CA CYS B 168 -6.67 -25.76 7.91
C CYS B 168 -7.28 -24.42 8.32
N ALA B 169 -6.83 -23.87 9.44
CA ALA B 169 -7.34 -22.57 9.90
C ALA B 169 -6.89 -21.45 8.97
N THR B 170 -5.68 -21.57 8.42
CA THR B 170 -5.15 -20.57 7.50
C THR B 170 -5.93 -20.62 6.18
N TRP B 171 -6.28 -21.83 5.73
CA TRP B 171 -7.01 -21.97 4.49
C TRP B 171 -8.39 -21.33 4.59
N GLU B 172 -9.04 -21.53 5.74
CA GLU B 172 -10.37 -20.96 5.95
C GLU B 172 -10.32 -19.44 5.79
N ALA B 173 -9.28 -18.82 6.34
CA ALA B 173 -9.10 -17.38 6.22
C ALA B 173 -8.92 -16.99 4.74
N MET B 174 -8.23 -17.83 3.98
CA MET B 174 -8.02 -17.59 2.55
C MET B 174 -9.35 -17.70 1.81
N GLU B 175 -10.14 -18.72 2.16
CA GLU B 175 -11.43 -18.93 1.53
C GLU B 175 -12.32 -17.71 1.74
N ALA B 176 -12.27 -17.14 2.94
CA ALA B 176 -13.05 -15.96 3.27
C ALA B 176 -12.65 -14.81 2.36
N CYS B 177 -11.36 -14.75 2.00
CA CYS B 177 -10.89 -13.70 1.11
C CYS B 177 -11.55 -13.81 -0.25
N LYS B 178 -11.62 -15.03 -0.79
CA LYS B 178 -12.26 -15.21 -2.09
C LYS B 178 -13.74 -14.84 -1.98
N ASP B 179 -14.40 -15.29 -0.92
CA ASP B 179 -15.81 -14.96 -0.72
C ASP B 179 -16.00 -13.44 -0.67
N ALA B 180 -15.00 -12.72 -0.17
CA ALA B 180 -15.09 -11.26 -0.07
C ALA B 180 -14.79 -10.58 -1.41
N GLY B 181 -14.45 -11.38 -2.41
CA GLY B 181 -14.15 -10.85 -3.73
C GLY B 181 -12.78 -10.20 -3.91
N LEU B 182 -11.88 -10.41 -2.96
CA LEU B 182 -10.54 -9.83 -3.02
C LEU B 182 -9.55 -10.66 -3.84
N VAL B 183 -9.95 -11.89 -4.14
CA VAL B 183 -9.11 -12.80 -4.92
C VAL B 183 -10.00 -13.76 -5.70
N LYS B 184 -9.61 -14.05 -6.94
CA LYS B 184 -10.40 -14.94 -7.79
C LYS B 184 -10.10 -16.42 -7.57
N SER B 185 -8.83 -16.77 -7.40
CA SER B 185 -8.44 -18.17 -7.19
C SER B 185 -7.45 -18.33 -6.04
N LEU B 186 -7.57 -19.44 -5.32
CA LEU B 186 -6.70 -19.74 -4.18
C LEU B 186 -5.79 -20.93 -4.47
N GLY B 187 -4.56 -20.89 -3.95
CA GLY B 187 -3.63 -21.98 -4.18
C GLY B 187 -2.55 -22.08 -3.12
N VAL B 188 -1.55 -22.92 -3.36
CA VAL B 188 -0.46 -23.08 -2.41
C VAL B 188 0.89 -23.11 -3.13
N SER B 189 1.96 -23.16 -2.34
CA SER B 189 3.31 -23.18 -2.87
C SER B 189 4.24 -23.94 -1.92
N ASN B 190 5.10 -24.78 -2.48
CA ASN B 190 6.03 -25.57 -1.68
C ASN B 190 5.32 -26.57 -0.77
N PHE B 191 4.16 -27.04 -1.20
CA PHE B 191 3.39 -28.02 -0.44
C PHE B 191 3.69 -29.41 -0.95
N ASN B 192 3.90 -30.37 -0.04
CA ASN B 192 4.15 -31.74 -0.46
C ASN B 192 2.81 -32.47 -0.46
N ARG B 193 2.83 -33.75 -0.81
CA ARG B 193 1.60 -34.53 -0.87
C ARG B 193 0.76 -34.44 0.40
N ARG B 194 1.35 -34.82 1.53
CA ARG B 194 0.66 -34.79 2.81
C ARG B 194 -0.02 -33.44 3.10
N GLN B 195 0.72 -32.35 2.90
CA GLN B 195 0.18 -31.01 3.17
C GLN B 195 -1.01 -30.69 2.25
N LEU B 196 -0.96 -31.17 1.02
CA LEU B 196 -2.04 -30.95 0.08
C LEU B 196 -3.30 -31.73 0.52
N GLU B 197 -3.12 -32.97 0.95
CA GLU B 197 -4.26 -33.81 1.37
C GLU B 197 -4.93 -33.32 2.65
N LEU B 198 -4.17 -32.68 3.53
CA LEU B 198 -4.76 -32.17 4.77
C LEU B 198 -5.85 -31.17 4.39
N ILE B 199 -5.55 -30.31 3.41
CA ILE B 199 -6.50 -29.33 2.94
C ILE B 199 -7.59 -29.98 2.10
N LEU B 200 -7.18 -30.89 1.21
CA LEU B 200 -8.12 -31.59 0.35
C LEU B 200 -9.15 -32.40 1.14
N ASN B 201 -8.74 -32.94 2.28
CA ASN B 201 -9.64 -33.74 3.10
C ASN B 201 -10.21 -32.96 4.26
N LYS B 202 -10.02 -31.64 4.24
CA LYS B 202 -10.53 -30.79 5.30
C LYS B 202 -12.06 -30.80 5.40
N PRO B 203 -12.59 -30.87 6.62
CA PRO B 203 -14.05 -30.88 6.83
C PRO B 203 -14.59 -29.50 6.51
N GLY B 204 -15.58 -29.42 5.63
CA GLY B 204 -16.16 -28.13 5.30
C GLY B 204 -15.43 -27.37 4.20
N LEU B 205 -14.46 -28.01 3.55
CA LEU B 205 -13.71 -27.38 2.47
C LEU B 205 -14.67 -26.67 1.53
N LYS B 206 -14.45 -25.39 1.28
CA LYS B 206 -15.30 -24.62 0.37
C LYS B 206 -14.64 -24.37 -0.97
N HIS B 207 -13.39 -23.90 -0.93
CA HIS B 207 -12.63 -23.62 -2.14
C HIS B 207 -11.36 -24.47 -2.14
N LYS B 208 -11.32 -25.44 -3.05
CA LYS B 208 -10.18 -26.34 -3.16
C LYS B 208 -9.00 -25.64 -3.85
N PRO B 209 -7.77 -25.97 -3.44
CA PRO B 209 -6.59 -25.35 -4.07
C PRO B 209 -6.59 -25.64 -5.57
N VAL B 210 -6.40 -24.61 -6.39
CA VAL B 210 -6.39 -24.83 -7.84
C VAL B 210 -4.95 -24.91 -8.37
N SER B 211 -3.99 -24.50 -7.55
CA SER B 211 -2.59 -24.48 -7.97
C SER B 211 -1.58 -24.74 -6.86
N ASN B 212 -0.44 -25.31 -7.23
CA ASN B 212 0.66 -25.57 -6.31
C ASN B 212 1.95 -25.15 -7.02
N GLN B 213 2.56 -24.08 -6.54
CA GLN B 213 3.79 -23.56 -7.14
C GLN B 213 5.00 -24.15 -6.44
N VAL B 214 5.76 -24.96 -7.19
CA VAL B 214 6.95 -25.62 -6.65
C VAL B 214 8.07 -25.57 -7.67
N GLU B 215 9.30 -25.82 -7.22
CA GLU B 215 10.44 -25.84 -8.12
C GLU B 215 10.24 -26.94 -9.16
N CYS B 216 10.36 -26.60 -10.44
CA CYS B 216 10.18 -27.60 -11.47
C CYS B 216 10.93 -27.24 -12.76
N HIS B 217 11.73 -28.19 -13.22
CA HIS B 217 12.54 -28.02 -14.43
C HIS B 217 13.14 -29.38 -14.78
N PRO B 218 13.90 -29.47 -15.88
CA PRO B 218 14.48 -30.77 -16.24
C PRO B 218 15.34 -31.51 -15.21
N TYR B 219 15.95 -30.80 -14.26
CA TYR B 219 16.76 -31.50 -13.25
C TYR B 219 15.94 -31.92 -12.04
N PHE B 220 14.73 -31.37 -11.92
CA PHE B 220 13.83 -31.72 -10.83
C PHE B 220 12.44 -31.66 -11.43
N THR B 221 12.10 -32.73 -12.15
CA THR B 221 10.83 -32.86 -12.87
C THR B 221 9.57 -33.08 -12.06
N GLN B 222 9.71 -33.39 -10.76
CA GLN B 222 8.54 -33.61 -9.92
C GLN B 222 7.59 -34.68 -10.47
N PRO B 223 8.10 -35.88 -10.78
CA PRO B 223 7.25 -36.95 -11.32
C PRO B 223 6.04 -37.32 -10.47
N LYS B 224 6.28 -37.69 -9.21
CA LYS B 224 5.19 -38.10 -8.35
C LYS B 224 4.26 -36.98 -7.90
N LEU B 225 4.82 -35.81 -7.57
CA LEU B 225 3.96 -34.71 -7.15
C LEU B 225 3.06 -34.26 -8.29
N LEU B 226 3.60 -34.21 -9.51
CA LEU B 226 2.83 -33.81 -10.68
C LEU B 226 1.66 -34.78 -10.89
N LYS B 227 1.94 -36.07 -10.86
CA LYS B 227 0.91 -37.07 -11.05
C LYS B 227 -0.17 -36.88 -10.00
N PHE B 228 0.24 -36.77 -8.74
CA PHE B 228 -0.68 -36.58 -7.63
C PHE B 228 -1.58 -35.36 -7.87
N CYS B 229 -0.98 -34.26 -8.30
CA CYS B 229 -1.74 -33.04 -8.54
C CYS B 229 -2.70 -33.16 -9.71
N GLN B 230 -2.29 -33.85 -10.77
CA GLN B 230 -3.16 -34.02 -11.93
C GLN B 230 -4.40 -34.80 -11.48
N GLN B 231 -4.20 -35.80 -10.64
CA GLN B 231 -5.30 -36.62 -10.14
C GLN B 231 -6.32 -35.82 -9.34
N HIS B 232 -5.89 -34.66 -8.82
CA HIS B 232 -6.78 -33.83 -8.02
C HIS B 232 -7.16 -32.53 -8.71
N ASP B 233 -6.91 -32.44 -10.02
CA ASP B 233 -7.22 -31.25 -10.80
C ASP B 233 -6.48 -30.02 -10.30
N ILE B 234 -5.26 -30.24 -9.80
CA ILE B 234 -4.43 -29.15 -9.30
C ILE B 234 -3.33 -28.89 -10.33
N VAL B 235 -3.25 -27.64 -10.79
CA VAL B 235 -2.26 -27.26 -11.78
C VAL B 235 -0.96 -26.86 -11.07
N ILE B 236 0.15 -27.40 -11.55
CA ILE B 236 1.43 -27.08 -10.96
C ILE B 236 2.07 -25.92 -11.72
N THR B 237 2.52 -24.92 -10.97
CA THR B 237 3.23 -23.79 -11.59
C THR B 237 4.69 -24.04 -11.22
N ALA B 238 5.54 -24.06 -12.22
CA ALA B 238 6.96 -24.31 -12.02
C ALA B 238 7.76 -23.05 -11.72
N TYR B 239 8.23 -22.89 -10.49
CA TYR B 239 9.06 -21.78 -10.21
C TYR B 239 10.51 -22.13 -10.52
N SER B 240 11.36 -21.12 -10.69
CA SER B 240 12.76 -21.35 -11.06
C SER B 240 12.79 -22.35 -12.21
N PRO B 241 11.93 -22.15 -13.23
CA PRO B 241 11.84 -23.04 -14.39
C PRO B 241 13.11 -23.06 -15.25
N LEU B 242 13.97 -22.06 -15.07
CA LEU B 242 15.22 -22.01 -15.81
C LEU B 242 16.38 -22.45 -14.91
N GLY B 243 16.07 -22.95 -13.73
CA GLY B 243 17.10 -23.41 -12.81
C GLY B 243 17.65 -22.38 -11.83
N THR B 244 16.99 -21.23 -11.75
CA THR B 244 17.36 -20.11 -10.85
C THR B 244 18.54 -19.27 -11.33
N SER B 245 18.78 -18.16 -10.62
CA SER B 245 19.86 -17.25 -10.93
C SER B 245 21.20 -17.81 -10.43
N ARG B 246 21.11 -18.92 -9.68
CA ARG B 246 22.29 -19.60 -9.14
C ARG B 246 23.09 -18.74 -8.15
N ASN B 247 22.38 -18.05 -7.26
CA ASN B 247 23.01 -17.20 -6.28
C ASN B 247 23.52 -18.10 -5.15
N PRO B 248 24.85 -18.27 -5.07
CA PRO B 248 25.55 -19.09 -4.06
C PRO B 248 25.08 -18.86 -2.64
N ILE B 249 24.59 -17.65 -2.38
CA ILE B 249 24.10 -17.27 -1.06
C ILE B 249 22.90 -18.10 -0.61
N TRP B 250 22.03 -18.50 -1.54
CA TRP B 250 20.86 -19.28 -1.16
C TRP B 250 20.50 -20.44 -2.10
N VAL B 251 21.15 -20.50 -3.26
CA VAL B 251 20.87 -21.58 -4.20
C VAL B 251 21.86 -22.73 -4.07
N ASN B 252 21.36 -23.96 -4.20
CA ASN B 252 22.23 -25.12 -4.12
C ASN B 252 22.93 -25.20 -5.47
N VAL B 253 24.11 -24.60 -5.55
CA VAL B 253 24.87 -24.59 -6.80
C VAL B 253 25.75 -25.81 -7.04
N SER B 254 25.55 -26.86 -6.24
CA SER B 254 26.33 -28.09 -6.42
C SER B 254 25.88 -28.74 -7.72
N SER B 255 24.64 -28.45 -8.12
CA SER B 255 24.09 -28.99 -9.35
C SER B 255 24.52 -28.02 -10.45
N PRO B 256 25.05 -28.53 -11.57
CA PRO B 256 25.51 -27.69 -12.69
C PRO B 256 24.46 -26.77 -13.30
N PRO B 257 24.91 -25.69 -13.97
CA PRO B 257 24.00 -24.73 -14.61
C PRO B 257 23.06 -25.43 -15.58
N LEU B 258 21.76 -25.36 -15.33
CA LEU B 258 20.76 -26.01 -16.17
C LEU B 258 20.87 -25.62 -17.66
N LEU B 259 20.89 -24.32 -17.94
CA LEU B 259 20.95 -23.86 -19.32
C LEU B 259 22.23 -24.24 -20.06
N LYS B 260 23.18 -24.85 -19.35
CA LYS B 260 24.43 -25.27 -19.98
C LYS B 260 24.40 -26.76 -20.29
N ASP B 261 23.30 -27.41 -19.93
CA ASP B 261 23.17 -28.85 -20.17
C ASP B 261 23.43 -29.20 -21.64
N ALA B 262 24.36 -30.13 -21.85
CA ALA B 262 24.71 -30.54 -23.21
C ALA B 262 23.49 -31.01 -24.01
N LEU B 263 22.67 -31.85 -23.41
CA LEU B 263 21.49 -32.34 -24.11
C LEU B 263 20.49 -31.25 -24.45
N LEU B 264 20.16 -30.40 -23.47
CA LEU B 264 19.20 -29.33 -23.73
C LEU B 264 19.68 -28.39 -24.86
N ASN B 265 20.98 -28.16 -24.93
CA ASN B 265 21.52 -27.30 -25.97
C ASN B 265 21.51 -27.99 -27.33
N SER B 266 21.74 -29.31 -27.32
CA SER B 266 21.73 -30.07 -28.57
C SER B 266 20.31 -30.09 -29.15
N LEU B 267 19.31 -30.25 -28.29
CA LEU B 267 17.92 -30.26 -28.72
C LEU B 267 17.52 -28.89 -29.27
N GLY B 268 17.95 -27.84 -28.60
CA GLY B 268 17.65 -26.50 -29.07
C GLY B 268 18.13 -26.29 -30.50
N LYS B 269 19.26 -26.91 -30.82
CA LYS B 269 19.84 -26.79 -32.16
C LYS B 269 18.97 -27.51 -33.20
N ARG B 270 18.05 -28.33 -32.74
CA ARG B 270 17.16 -29.05 -33.66
C ARG B 270 16.04 -28.12 -34.13
N TYR B 271 15.74 -27.11 -33.34
CA TYR B 271 14.69 -26.17 -33.69
C TYR B 271 15.16 -24.73 -33.72
N ASN B 272 16.48 -24.54 -33.69
CA ASN B 272 17.04 -23.19 -33.69
C ASN B 272 16.48 -22.43 -32.49
N LYS B 273 16.47 -23.09 -31.34
CA LYS B 273 16.00 -22.52 -30.08
C LYS B 273 17.10 -22.65 -29.03
N THR B 274 17.05 -21.81 -28.00
CA THR B 274 18.06 -21.87 -26.93
C THR B 274 17.62 -22.92 -25.92
N ALA B 275 18.52 -23.29 -25.00
CA ALA B 275 18.19 -24.27 -23.98
C ALA B 275 17.05 -23.74 -23.09
N ALA B 276 17.02 -22.43 -22.87
CA ALA B 276 15.98 -21.83 -22.05
C ALA B 276 14.61 -22.07 -22.70
N GLN B 277 14.56 -21.88 -24.01
CA GLN B 277 13.31 -22.08 -24.75
C GLN B 277 12.92 -23.55 -24.73
N ILE B 278 13.91 -24.43 -24.74
CA ILE B 278 13.63 -25.86 -24.70
C ILE B 278 13.02 -26.24 -23.36
N VAL B 279 13.65 -25.81 -22.26
CA VAL B 279 13.13 -26.18 -20.94
C VAL B 279 11.76 -25.58 -20.66
N LEU B 280 11.48 -24.40 -21.22
CA LEU B 280 10.19 -23.76 -21.00
C LEU B 280 9.10 -24.49 -21.79
N ARG B 281 9.42 -24.86 -23.04
CA ARG B 281 8.47 -25.59 -23.89
C ARG B 281 8.15 -26.94 -23.26
N PHE B 282 9.18 -27.59 -22.72
CA PHE B 282 9.03 -28.88 -22.07
C PHE B 282 7.92 -28.88 -21.03
N ASN B 283 8.00 -27.96 -20.07
CA ASN B 283 6.97 -27.91 -19.03
C ASN B 283 5.59 -27.47 -19.49
N ILE B 284 5.50 -26.43 -20.33
CA ILE B 284 4.18 -26.00 -20.78
C ILE B 284 3.52 -27.09 -21.63
N GLN B 285 4.31 -27.84 -22.38
CA GLN B 285 3.77 -28.89 -23.22
C GLN B 285 3.14 -30.02 -22.41
N ARG B 286 3.55 -30.16 -21.15
CA ARG B 286 2.98 -31.20 -20.32
C ARG B 286 2.02 -30.64 -19.26
N GLY B 287 1.42 -29.49 -19.58
CA GLY B 287 0.46 -28.88 -18.68
C GLY B 287 1.00 -28.14 -17.47
N VAL B 288 2.30 -27.87 -17.45
CA VAL B 288 2.90 -27.17 -16.34
C VAL B 288 3.11 -25.69 -16.67
N VAL B 289 2.58 -24.82 -15.82
CA VAL B 289 2.71 -23.39 -16.00
C VAL B 289 4.15 -23.01 -15.66
N VAL B 290 4.73 -22.11 -16.43
CA VAL B 290 6.10 -21.67 -16.17
C VAL B 290 6.16 -20.17 -15.96
N ILE B 291 6.87 -19.75 -14.93
CA ILE B 291 7.00 -18.33 -14.62
C ILE B 291 8.46 -17.89 -14.65
N PRO B 292 9.10 -17.95 -15.82
CA PRO B 292 10.51 -17.53 -15.91
C PRO B 292 10.70 -16.05 -15.59
N LYS B 293 11.78 -15.75 -14.87
CA LYS B 293 12.06 -14.36 -14.52
C LYS B 293 13.17 -13.76 -15.38
N SER B 294 12.92 -12.58 -15.91
CA SER B 294 13.93 -11.88 -16.67
C SER B 294 13.70 -10.38 -16.65
N PHE B 295 14.75 -9.63 -16.32
CA PHE B 295 14.67 -8.18 -16.29
C PHE B 295 15.51 -7.68 -17.46
N ASN B 296 15.68 -8.54 -18.46
CA ASN B 296 16.44 -8.19 -19.65
C ASN B 296 15.55 -8.25 -20.87
N LEU B 297 15.47 -7.11 -21.58
CA LEU B 297 14.65 -6.96 -22.78
C LEU B 297 14.65 -8.13 -23.75
N GLU B 298 15.83 -8.49 -24.26
CA GLU B 298 15.92 -9.58 -25.22
C GLU B 298 15.56 -10.96 -24.65
N ARG B 299 15.98 -11.24 -23.43
CA ARG B 299 15.68 -12.54 -22.81
C ARG B 299 14.19 -12.67 -22.46
N ILE B 300 13.55 -11.56 -22.14
CA ILE B 300 12.12 -11.60 -21.82
C ILE B 300 11.38 -12.05 -23.07
N LYS B 301 11.80 -11.53 -24.21
CA LYS B 301 11.19 -11.88 -25.49
C LYS B 301 11.56 -13.31 -25.88
N GLU B 302 12.84 -13.67 -25.71
CA GLU B 302 13.29 -15.02 -26.04
C GLU B 302 12.44 -16.08 -25.32
N ASN B 303 12.19 -15.87 -24.03
CA ASN B 303 11.41 -16.82 -23.24
C ASN B 303 9.96 -16.99 -23.68
N PHE B 304 9.42 -15.98 -24.34
CA PHE B 304 8.04 -16.04 -24.80
C PHE B 304 7.89 -16.76 -26.13
N GLN B 305 8.96 -16.80 -26.91
CA GLN B 305 8.95 -17.45 -28.23
C GLN B 305 8.98 -18.98 -28.09
N ILE B 306 7.96 -19.55 -27.49
CA ILE B 306 7.90 -20.99 -27.31
C ILE B 306 6.63 -21.60 -27.86
N PHE B 307 5.95 -20.87 -28.75
CA PHE B 307 4.71 -21.36 -29.34
C PHE B 307 4.85 -21.65 -30.85
N ASP B 308 6.03 -21.42 -31.40
CA ASP B 308 6.27 -21.65 -32.81
C ASP B 308 6.91 -23.01 -33.12
N PHE B 309 7.01 -23.85 -32.09
CA PHE B 309 7.57 -25.20 -32.26
C PHE B 309 7.07 -26.08 -31.12
N SER B 310 7.34 -27.38 -31.22
CA SER B 310 6.94 -28.31 -30.18
C SER B 310 8.01 -29.37 -30.07
N LEU B 311 7.95 -30.16 -29.01
CA LEU B 311 8.91 -31.24 -28.80
C LEU B 311 8.20 -32.55 -29.11
N THR B 312 8.89 -33.47 -29.77
CA THR B 312 8.29 -34.76 -30.10
C THR B 312 8.15 -35.56 -28.81
N GLU B 313 7.33 -36.60 -28.82
CA GLU B 313 7.14 -37.42 -27.64
C GLU B 313 8.46 -38.01 -27.19
N GLU B 314 9.32 -38.29 -28.16
CA GLU B 314 10.64 -38.85 -27.89
C GLU B 314 11.49 -37.85 -27.13
N GLU B 315 11.48 -36.60 -27.59
CA GLU B 315 12.26 -35.53 -26.97
C GLU B 315 11.76 -35.22 -25.55
N MET B 316 10.46 -35.37 -25.35
CA MET B 316 9.86 -35.15 -24.03
C MET B 316 10.44 -36.20 -23.09
N LYS B 317 10.59 -37.43 -23.58
CA LYS B 317 11.15 -38.50 -22.77
C LYS B 317 12.63 -38.23 -22.51
N ASP B 318 13.32 -37.66 -23.50
CA ASP B 318 14.74 -37.33 -23.34
C ASP B 318 14.94 -36.35 -22.19
N ILE B 319 14.09 -35.32 -22.18
CA ILE B 319 14.14 -34.27 -21.17
C ILE B 319 13.80 -34.81 -19.78
N GLU B 320 12.77 -35.65 -19.71
CA GLU B 320 12.34 -36.24 -18.44
C GLU B 320 13.47 -37.06 -17.81
N ALA B 321 14.24 -37.74 -18.66
CA ALA B 321 15.35 -38.57 -18.20
C ALA B 321 16.48 -37.77 -17.58
N LEU B 322 16.44 -36.45 -17.71
CA LEU B 322 17.48 -35.59 -17.13
C LEU B 322 17.29 -35.37 -15.64
N ASN B 323 16.12 -35.75 -15.13
CA ASN B 323 15.81 -35.57 -13.72
C ASN B 323 16.86 -36.16 -12.78
N LYS B 324 17.40 -35.31 -11.91
CA LYS B 324 18.43 -35.74 -10.96
C LYS B 324 17.85 -35.90 -9.57
N ASN B 325 16.67 -35.33 -9.35
CA ASN B 325 16.03 -35.39 -8.05
C ASN B 325 16.87 -34.57 -7.07
N VAL B 326 17.39 -33.45 -7.57
CA VAL B 326 18.19 -32.54 -6.77
C VAL B 326 17.60 -31.14 -6.90
N ARG B 327 17.23 -30.55 -5.77
CA ARG B 327 16.66 -29.21 -5.75
C ARG B 327 17.72 -28.11 -5.76
N PHE B 328 17.45 -27.03 -6.49
CA PHE B 328 18.34 -25.88 -6.52
C PHE B 328 17.91 -25.05 -5.29
N VAL B 329 16.63 -25.17 -4.94
CA VAL B 329 16.06 -24.45 -3.81
C VAL B 329 15.73 -25.43 -2.68
N GLU B 330 16.67 -25.58 -1.75
CA GLU B 330 16.52 -26.50 -0.63
C GLU B 330 16.01 -25.88 0.68
N LEU B 331 16.36 -24.64 0.94
CA LEU B 331 15.93 -23.95 2.16
C LEU B 331 16.32 -24.80 3.36
N LEU B 332 17.58 -25.23 3.39
CA LEU B 332 18.08 -26.08 4.46
C LEU B 332 18.01 -25.47 5.85
N MET B 333 18.03 -24.14 5.93
CA MET B 333 17.99 -23.46 7.21
C MET B 333 16.64 -23.61 7.91
N TRP B 334 15.65 -24.19 7.24
CA TRP B 334 14.34 -24.37 7.87
C TRP B 334 13.96 -25.85 7.98
N ARG B 335 14.93 -26.73 7.76
CA ARG B 335 14.66 -28.16 7.82
C ARG B 335 14.19 -28.64 9.19
N ASP B 336 14.35 -27.79 10.20
CA ASP B 336 13.93 -28.15 11.56
C ASP B 336 12.48 -27.74 11.85
N HIS B 337 11.85 -27.05 10.91
CA HIS B 337 10.47 -26.64 11.08
C HIS B 337 9.57 -27.87 10.93
N PRO B 338 8.55 -28.00 11.79
CA PRO B 338 7.61 -29.13 11.74
C PRO B 338 6.94 -29.32 10.38
N GLU B 339 6.77 -28.23 9.63
CA GLU B 339 6.14 -28.33 8.33
C GLU B 339 7.09 -28.17 7.14
N TYR B 340 8.38 -28.42 7.38
CA TYR B 340 9.37 -28.35 6.31
C TYR B 340 8.88 -29.42 5.31
N PRO B 341 8.53 -28.99 4.09
CA PRO B 341 8.02 -29.85 3.01
C PRO B 341 8.93 -30.82 2.27
N PHE B 342 10.22 -30.63 2.35
CA PHE B 342 11.13 -31.47 1.58
C PHE B 342 11.73 -32.74 2.21
N HIS B 343 11.27 -33.12 3.39
CA HIS B 343 11.78 -34.34 4.00
C HIS B 343 11.14 -35.55 3.31
N ASP B 344 9.85 -35.42 2.99
CA ASP B 344 9.12 -36.50 2.34
C ASP B 344 9.62 -36.75 0.93
N GLU B 345 9.29 -37.93 0.39
CA GLU B 345 9.68 -38.30 -0.96
C GLU B 345 9.10 -37.27 -1.92
N TYR B 346 7.87 -36.85 -1.64
CA TYR B 346 7.18 -35.85 -2.46
C TYR B 346 5.90 -35.40 -1.76
#